data_7P02
#
_entry.id   7P02
#
_cell.length_a   1.00
_cell.length_b   1.00
_cell.length_c   1.00
_cell.angle_alpha   90.00
_cell.angle_beta   90.00
_cell.angle_gamma   90.00
#
_symmetry.space_group_name_H-M   'P 1'
#
loop_
_entity.id
_entity.type
_entity.pdbx_description
1 polymer 'Antibody fragment scFv16'
2 polymer 'Guanine nucleotide-binding protein G(I)/G(S)/G(T) subunit beta-1'
3 polymer 'Guanine nucleotide-binding protein G(I)/G(S)/G(O) subunit gamma-2'
4 polymer 'Guanine nucleotide-binding protein G(i) subunit alpha-1,Guanine nucleotide-binding protein G(s) subunit alpha isoforms short'
5 polymer 'Substance-P receptor'
6 polymer Protachykinin-1
7 non-polymer CHOLESTEROL
#
loop_
_entity_poly.entity_id
_entity_poly.type
_entity_poly.pdbx_seq_one_letter_code
_entity_poly.pdbx_strand_id
1 'polypeptide(L)'
;MKFLVNVALVFMVVYISYIYADYKDDDDKHHHHHHHHHHLEVLFQGPDVQLVESGGGLVQPGGSRKLSCSASGFAFSSFG
MHWVRQAPEKGLEWVAYISSGSGTIYYADTVKGRFTISRDDPKNTLFLQMTSLRSEDTAMYYCVRSIYYYGSSPFDFWGQ
GTTLTVSSGGGGSGGGGSGGGGSDIVMTQATSSVPVTPGESVSISCRSSKSLLHSNGNTYLYWFLQRPGQSPQLLIYRMS
NLASGVPDRFSGSGSGTAFTLTISRLEAEDVGVYYCMQHLEYPLTFGAGTKLELKAAA
;
H
2 'polypeptide(L)'
;MHHHHHHHHHHGSSGSELDQLRQEAEQLKNQIRDARKACADATLSQITNNIDPVGRIQMRTRRTLRGHLAKIYAMHWGTD
SRLLVSASQDGKLIIWDSYTTNKVHAIPLRSSWVMTCAYAPSGNYVACGGLDNICSIYNLKTREGNVRVSRELAGHTGYL
SCCRFLDDNQIVTSSGDTTCALWDIETGQQTTTFTGHTGDVMSLSLAPDTRLFVSGACDASAKLWDVREGMCRQTFTGHE
SDINAICFFPNGNAFATGSDDATCRLFDLRADQELMTYSHDNIICGITSVSFSKSGRLLLAGYDDFNCNVWDALKADRAG
VLAGHDNRVSCLGVTDDGMAVATGSWDSFLKIWN
;
B
3 'polypeptide(L)' MASNNTASIAQARKLVEQLKMEANIDRIKVSKAAADLMAYCEAHAKEDPLLTPVPASENPFREKKFFCAIL G
4 'polypeptide(L)'
;MGCTLSAEDKAAVERSKMIEKQLQKDKQVYRATHRLLLLGADNSGKSTIVKQMRILHGGSGGSGGTSGIFETKFQVDKVN
FHMFDVGGQRDERRKWIQCFNDVTAIIFVVDSSDYNRLQEALNLFKSIWNNRWLRTISVILFLNKQDLLAEKVLAGKSKI
EDYFPEFARYTTPEDATPEPGEDPRVTRAKYFIRDEFLRISTASGDGRHYCYPHFTCAVDTENARRIFNDCRDIIQRMHL
RQYELL
;
A
5 'polypeptide(L)'
;MKFLVNVALVFMVVYISYIYADYKDDDDKHHHHHHHHHHLEVLFQGPMDNVLPVDSDLSPNISTNTSEPNQFVQPAWQIV
LWAAAYTVIVVTSVVGNVVVMWIILAHKRMRTVTNYFLVNLAFAEASMAAFNTVVNFTYAVHNEWYYGLFYCKFHNFFPI
AAVFASIYSMTAVAFDRYMAIIHPLQPRLSATATKVVICVIWVLALLLAFPQGYYSTTETMPSRVVCMIEWPEHPNKIYE
KVYHICVTVLIYFLPLLVIGYAYTVVGITLWASEIPGDSSDRYHEQVSAKRKVVKMMIVVVCTFAICWLPFHIFFLLPYI
NPDLYLKKFIQQVYLAIMWLAMSSTMYNPIIYCCLNDRFRLGFKHAFRCCPFISAGDYEGLE
;
R
6 'polypeptide(L)' RPKPQQFFGLM(NH2) P
#
# COMPACT_ATOMS: atom_id res chain seq x y z
N ASP A 48 7.13 -17.56 -31.35
CA ASP A 48 7.10 -18.79 -30.50
C ASP A 48 8.33 -18.83 -29.60
N VAL A 49 8.24 -19.51 -28.46
CA VAL A 49 9.36 -19.54 -27.47
C VAL A 49 10.51 -20.35 -28.08
N GLN A 50 11.68 -19.74 -28.25
CA GLN A 50 12.87 -20.45 -28.77
C GLN A 50 14.07 -20.10 -27.90
N LEU A 51 14.96 -21.06 -27.66
CA LEU A 51 16.19 -20.79 -26.87
C LEU A 51 17.38 -21.37 -27.64
N VAL A 52 17.77 -20.74 -28.76
CA VAL A 52 18.87 -21.28 -29.61
C VAL A 52 20.22 -20.93 -28.96
N GLU A 53 21.01 -21.94 -28.59
CA GLU A 53 22.35 -21.70 -27.99
C GLU A 53 23.43 -22.04 -29.00
N SER A 54 24.56 -21.33 -28.96
CA SER A 54 25.65 -21.56 -29.94
C SER A 54 27.01 -21.23 -29.31
N GLY A 55 28.10 -21.57 -30.01
CA GLY A 55 29.45 -21.27 -29.51
C GLY A 55 30.20 -22.53 -29.09
N GLY A 56 29.74 -23.70 -29.52
CA GLY A 56 30.40 -24.96 -29.16
C GLY A 56 31.41 -25.41 -30.21
N GLY A 57 32.12 -26.50 -29.94
CA GLY A 57 33.10 -27.03 -30.92
C GLY A 57 34.30 -27.68 -30.24
N LEU A 58 35.31 -28.05 -31.03
CA LEU A 58 36.52 -28.71 -30.47
C LEU A 58 37.37 -27.67 -29.73
N VAL A 59 37.80 -27.99 -28.52
CA VAL A 59 38.69 -27.06 -27.75
C VAL A 59 39.80 -27.89 -27.10
N GLN A 60 41.05 -27.41 -27.18
CA GLN A 60 42.18 -28.17 -26.60
C GLN A 60 42.12 -28.07 -25.08
N PRO A 61 42.45 -29.13 -24.29
CA PRO A 61 42.29 -29.07 -22.83
C PRO A 61 42.95 -27.84 -22.20
N GLY A 62 42.31 -27.30 -21.15
CA GLY A 62 42.85 -26.10 -20.47
C GLY A 62 42.43 -24.83 -21.17
N GLY A 63 41.71 -24.94 -22.29
CA GLY A 63 41.25 -23.76 -23.04
C GLY A 63 40.06 -23.10 -22.38
N SER A 64 39.50 -22.08 -23.04
CA SER A 64 38.32 -21.38 -22.48
C SER A 64 37.35 -21.03 -23.62
N ARG A 65 36.05 -21.18 -23.37
CA ARG A 65 35.03 -20.88 -24.41
C ARG A 65 33.80 -20.26 -23.76
N LYS A 66 33.09 -19.39 -24.48
CA LYS A 66 31.85 -18.79 -23.94
C LYS A 66 30.65 -19.32 -24.71
N LEU A 67 29.71 -19.97 -24.00
CA LEU A 67 28.49 -20.50 -24.65
C LEU A 67 27.40 -19.43 -24.60
N SER A 68 26.66 -19.22 -25.68
CA SER A 68 25.66 -18.12 -25.70
C SER A 68 24.26 -18.65 -26.08
N CYS A 69 23.27 -18.48 -25.21
CA CYS A 69 21.89 -18.92 -25.51
C CYS A 69 21.01 -17.71 -25.84
N SER A 70 20.68 -17.51 -27.13
CA SER A 70 19.84 -16.36 -27.56
C SER A 70 18.35 -16.70 -27.35
N ALA A 71 17.62 -15.81 -26.68
CA ALA A 71 16.21 -16.07 -26.34
C ALA A 71 15.30 -15.30 -27.31
N SER A 72 14.15 -15.88 -27.67
CA SER A 72 13.19 -15.20 -28.56
C SER A 72 11.78 -15.70 -28.29
N GLY A 73 10.84 -14.79 -28.01
CA GLY A 73 9.43 -15.19 -27.83
C GLY A 73 9.01 -15.28 -26.38
N PHE A 74 9.81 -14.77 -25.45
CA PHE A 74 9.37 -14.75 -24.03
C PHE A 74 10.09 -13.65 -23.25
N ALA A 75 9.61 -13.35 -22.05
CA ALA A 75 10.22 -12.30 -21.21
C ALA A 75 11.49 -12.85 -20.55
N PHE A 76 12.61 -12.84 -21.28
CA PHE A 76 13.87 -13.39 -20.75
C PHE A 76 14.11 -12.85 -19.35
N SER A 77 13.87 -11.55 -19.15
CA SER A 77 14.18 -10.91 -17.86
C SER A 77 13.44 -11.62 -16.71
N SER A 78 12.20 -12.04 -16.93
CA SER A 78 11.40 -12.63 -15.83
C SER A 78 11.75 -14.10 -15.59
N PHE A 79 12.42 -14.74 -16.54
CA PHE A 79 12.68 -16.20 -16.40
C PHE A 79 14.11 -16.45 -15.95
N GLY A 80 14.28 -17.03 -14.76
CA GLY A 80 15.63 -17.42 -14.32
C GLY A 80 16.15 -18.52 -15.22
N MET A 81 17.42 -18.47 -15.63
CA MET A 81 17.91 -19.46 -16.61
C MET A 81 18.87 -20.47 -15.96
N HIS A 82 18.92 -21.68 -16.50
CA HIS A 82 19.84 -22.72 -16.00
C HIS A 82 20.66 -23.28 -17.15
N TRP A 83 21.85 -23.83 -16.88
CA TRP A 83 22.62 -24.52 -17.94
C TRP A 83 22.77 -25.96 -17.49
N VAL A 84 22.29 -26.92 -18.29
CA VAL A 84 22.37 -28.36 -17.90
C VAL A 84 23.07 -29.09 -19.04
N ARG A 85 24.08 -29.90 -18.73
CA ARG A 85 24.84 -30.57 -19.82
C ARG A 85 24.57 -32.06 -19.84
N GLN A 86 24.88 -32.72 -20.95
CA GLN A 86 24.68 -34.18 -21.06
C GLN A 86 25.92 -34.79 -21.70
N ALA A 87 26.67 -35.57 -20.95
CA ALA A 87 27.86 -36.26 -21.51
C ALA A 87 27.42 -37.09 -22.72
N PRO A 88 28.27 -37.33 -23.75
CA PRO A 88 27.84 -38.04 -24.96
C PRO A 88 27.02 -39.30 -24.67
N GLU A 89 27.36 -40.05 -23.61
CA GLU A 89 26.64 -41.33 -23.38
C GLU A 89 25.91 -41.30 -22.03
N LYS A 90 26.29 -40.37 -21.15
CA LYS A 90 25.69 -40.35 -19.78
C LYS A 90 24.42 -39.51 -19.77
N GLY A 91 23.96 -39.13 -18.57
CA GLY A 91 22.69 -38.39 -18.46
C GLY A 91 22.88 -36.91 -18.24
N LEU A 92 21.86 -36.24 -17.71
CA LEU A 92 21.92 -34.76 -17.52
C LEU A 92 22.63 -34.42 -16.21
N GLU A 93 23.23 -33.22 -16.13
CA GLU A 93 23.93 -32.77 -14.91
C GLU A 93 23.80 -31.25 -14.80
N TRP A 94 23.21 -30.75 -13.71
CA TRP A 94 23.02 -29.29 -13.55
C TRP A 94 24.37 -28.59 -13.48
N VAL A 95 24.62 -27.62 -14.36
CA VAL A 95 25.93 -26.91 -14.41
C VAL A 95 25.82 -25.59 -13.66
N ALA A 96 24.89 -24.71 -14.06
CA ALA A 96 24.82 -23.37 -13.44
C ALA A 96 23.38 -22.85 -13.40
N TYR A 97 23.15 -21.78 -12.64
CA TYR A 97 21.80 -21.18 -12.55
C TYR A 97 21.91 -19.68 -12.29
N ILE A 98 21.37 -18.85 -13.17
CA ILE A 98 21.34 -17.38 -12.89
C ILE A 98 19.87 -17.00 -12.69
N SER A 99 19.58 -16.24 -11.63
CA SER A 99 18.16 -15.90 -11.32
C SER A 99 17.72 -14.68 -12.13
N SER A 100 16.43 -14.34 -12.09
CA SER A 100 15.95 -13.13 -12.79
C SER A 100 16.68 -11.92 -12.22
N GLY A 101 17.13 -11.02 -13.10
CA GLY A 101 17.85 -9.81 -12.66
C GLY A 101 19.27 -10.11 -12.22
N SER A 102 19.80 -11.28 -12.60
CA SER A 102 21.21 -11.65 -12.27
C SER A 102 21.46 -11.46 -10.77
N GLY A 103 20.60 -12.03 -9.91
CA GLY A 103 20.76 -11.89 -8.46
C GLY A 103 21.47 -13.08 -7.85
N THR A 104 20.77 -14.20 -7.72
CA THR A 104 21.37 -15.42 -7.11
C THR A 104 22.00 -16.28 -8.21
N ILE A 105 23.31 -16.57 -8.10
CA ILE A 105 24.02 -17.34 -9.16
C ILE A 105 24.67 -18.57 -8.54
N TYR A 106 23.97 -19.70 -8.49
CA TYR A 106 24.54 -20.96 -7.95
C TYR A 106 25.33 -21.69 -9.03
N TYR A 107 26.31 -22.50 -8.65
CA TYR A 107 27.09 -23.31 -9.62
C TYR A 107 27.24 -24.73 -9.09
N ALA A 108 27.62 -25.67 -9.95
CA ALA A 108 27.86 -27.05 -9.49
C ALA A 108 29.30 -27.20 -9.01
N ASP A 109 29.56 -28.16 -8.13
CA ASP A 109 30.93 -28.32 -7.56
C ASP A 109 31.93 -28.56 -8.68
N THR A 110 31.60 -29.43 -9.63
CA THR A 110 32.57 -29.80 -10.70
C THR A 110 33.02 -28.56 -11.47
N VAL A 111 32.13 -27.58 -11.67
CA VAL A 111 32.50 -26.41 -12.52
C VAL A 111 32.72 -25.18 -11.63
N LYS A 112 32.63 -25.32 -10.32
CA LYS A 112 32.74 -24.15 -9.42
C LYS A 112 34.03 -23.40 -9.73
N GLY A 113 33.95 -22.09 -9.96
CA GLY A 113 35.14 -21.27 -10.23
C GLY A 113 35.53 -21.30 -11.69
N ARG A 114 35.70 -22.49 -12.26
CA ARG A 114 36.15 -22.59 -13.67
C ARG A 114 35.08 -21.98 -14.59
N PHE A 115 33.80 -22.24 -14.33
CA PHE A 115 32.73 -21.76 -15.22
C PHE A 115 32.05 -20.54 -14.60
N THR A 116 31.52 -19.63 -15.42
CA THR A 116 30.76 -18.47 -14.89
C THR A 116 29.56 -18.18 -15.80
N ILE A 117 28.36 -18.07 -15.22
CA ILE A 117 27.12 -17.81 -16.01
C ILE A 117 26.74 -16.34 -15.87
N SER A 118 26.41 -15.68 -16.98
CA SER A 118 26.05 -14.25 -16.95
C SER A 118 24.89 -14.00 -17.92
N ARG A 119 23.99 -13.08 -17.58
CA ARG A 119 22.80 -12.88 -18.45
C ARG A 119 22.75 -11.44 -18.96
N ASP A 120 22.48 -11.26 -20.25
CA ASP A 120 22.34 -9.90 -20.82
C ASP A 120 20.85 -9.65 -21.04
N ASP A 121 20.13 -9.27 -19.98
CA ASP A 121 18.65 -9.09 -20.08
C ASP A 121 18.31 -8.20 -21.29
N PRO A 122 18.89 -6.99 -21.49
CA PRO A 122 18.52 -6.15 -22.62
C PRO A 122 18.66 -6.86 -23.97
N LYS A 123 19.70 -7.69 -24.12
CA LYS A 123 19.95 -8.37 -25.42
C LYS A 123 19.29 -9.76 -25.43
N ASN A 124 18.59 -10.12 -24.35
CA ASN A 124 17.91 -11.43 -24.26
C ASN A 124 18.90 -12.55 -24.60
N THR A 125 20.00 -12.65 -23.84
CA THR A 125 21.03 -13.68 -24.12
C THR A 125 21.61 -14.23 -22.81
N LEU A 126 21.82 -15.54 -22.73
CA LEU A 126 22.46 -16.16 -21.55
C LEU A 126 23.87 -16.60 -21.95
N PHE A 127 24.89 -16.25 -21.18
CA PHE A 127 26.30 -16.54 -21.54
C PHE A 127 26.92 -17.50 -20.51
N LEU A 128 27.80 -18.39 -20.97
CA LEU A 128 28.52 -19.28 -20.02
C LEU A 128 30.00 -19.24 -20.37
N GLN A 129 30.79 -18.41 -19.68
CA GLN A 129 32.25 -18.40 -19.92
C GLN A 129 32.87 -19.52 -19.10
N MET A 130 33.40 -20.54 -19.78
CA MET A 130 33.99 -21.70 -19.08
C MET A 130 35.51 -21.61 -19.23
N THR A 131 36.26 -21.80 -18.14
CA THR A 131 37.75 -21.77 -18.22
C THR A 131 38.31 -23.12 -17.78
N SER A 132 39.60 -23.36 -18.07
CA SER A 132 40.26 -24.63 -17.68
C SER A 132 39.40 -25.81 -18.11
N LEU A 133 39.05 -25.86 -19.40
CA LEU A 133 38.13 -26.92 -19.87
C LEU A 133 38.81 -28.28 -19.76
N ARG A 134 38.38 -29.10 -18.79
CA ARG A 134 38.93 -30.47 -18.64
C ARG A 134 38.22 -31.39 -19.63
N SER A 135 38.79 -32.57 -19.89
CA SER A 135 38.19 -33.52 -20.86
C SER A 135 36.86 -34.05 -20.31
N GLU A 136 36.56 -33.76 -19.05
CA GLU A 136 35.30 -34.24 -18.41
C GLU A 136 34.17 -33.27 -18.73
N ASP A 137 34.48 -32.20 -19.47
CA ASP A 137 33.45 -31.18 -19.79
C ASP A 137 32.92 -31.39 -21.21
N THR A 138 33.35 -32.47 -21.87
CA THR A 138 32.84 -32.80 -23.23
C THR A 138 31.37 -33.18 -23.12
N ALA A 139 30.46 -32.33 -23.61
CA ALA A 139 29.01 -32.60 -23.46
C ALA A 139 28.18 -31.64 -24.30
N MET A 140 26.88 -31.93 -24.47
CA MET A 140 25.99 -30.98 -25.17
C MET A 140 25.34 -30.11 -24.10
N TYR A 141 25.46 -28.79 -24.20
CA TYR A 141 24.96 -27.90 -23.12
C TYR A 141 23.58 -27.36 -23.50
N TYR A 142 22.60 -27.50 -22.59
CA TYR A 142 21.21 -27.04 -22.86
C TYR A 142 20.87 -25.85 -21.97
N CYS A 143 20.34 -24.77 -22.53
CA CYS A 143 19.89 -23.63 -21.69
C CYS A 143 18.41 -23.82 -21.36
N VAL A 144 18.07 -23.87 -20.07
CA VAL A 144 16.67 -24.14 -19.65
C VAL A 144 16.08 -22.89 -19.01
N ARG A 145 14.82 -22.57 -19.31
CA ARG A 145 14.16 -21.40 -18.66
C ARG A 145 13.41 -21.90 -17.44
N SER A 146 13.29 -21.06 -16.42
CA SER A 146 12.59 -21.47 -15.18
C SER A 146 12.01 -20.24 -14.49
N ILE A 147 10.69 -20.12 -14.42
CA ILE A 147 10.08 -18.99 -13.67
C ILE A 147 9.62 -19.55 -12.32
N TYR A 148 9.73 -18.78 -11.25
CA TYR A 148 9.40 -19.32 -9.91
C TYR A 148 8.36 -18.46 -9.21
N TYR A 149 7.10 -18.92 -9.18
CA TYR A 149 6.03 -18.20 -8.45
C TYR A 149 5.03 -19.26 -8.01
N TYR A 150 4.10 -18.94 -7.09
CA TYR A 150 3.20 -20.01 -6.62
C TYR A 150 2.45 -20.57 -7.84
N GLY A 151 2.67 -21.85 -8.15
CA GLY A 151 1.93 -22.48 -9.26
C GLY A 151 2.69 -22.42 -10.56
N SER A 152 3.98 -22.10 -10.51
CA SER A 152 4.80 -21.98 -11.74
C SER A 152 5.27 -23.36 -12.20
N SER A 153 5.71 -23.46 -13.45
CA SER A 153 6.25 -24.75 -13.97
C SER A 153 7.73 -24.58 -14.27
N PRO A 154 8.65 -24.70 -13.27
CA PRO A 154 10.06 -24.49 -13.52
C PRO A 154 10.61 -25.51 -14.52
N PHE A 155 11.68 -25.15 -15.22
CA PHE A 155 12.33 -26.07 -16.20
C PHE A 155 11.33 -26.45 -17.30
N ASP A 156 10.49 -25.49 -17.72
CA ASP A 156 9.46 -25.81 -18.74
C ASP A 156 10.06 -25.96 -20.13
N PHE A 157 10.79 -24.96 -20.63
CA PHE A 157 11.29 -25.05 -22.02
C PHE A 157 12.80 -25.29 -22.05
N TRP A 158 13.23 -26.30 -22.79
CA TRP A 158 14.68 -26.59 -22.93
C TRP A 158 15.12 -26.19 -24.33
N GLY A 159 16.33 -25.63 -24.45
CA GLY A 159 16.88 -25.25 -25.77
C GLY A 159 17.39 -26.46 -26.54
N GLN A 160 17.73 -26.27 -27.82
CA GLN A 160 18.15 -27.42 -28.67
C GLN A 160 19.43 -28.06 -28.13
N GLY A 161 20.42 -27.25 -27.77
CA GLY A 161 21.69 -27.78 -27.21
C GLY A 161 22.88 -27.52 -28.11
N THR A 162 24.04 -27.18 -27.53
CA THR A 162 25.27 -26.97 -28.34
C THR A 162 26.34 -27.96 -27.87
N THR A 163 27.05 -28.60 -28.80
CA THR A 163 28.02 -29.66 -28.42
C THR A 163 29.41 -29.07 -28.21
N LEU A 164 30.01 -29.33 -27.05
CA LEU A 164 31.41 -28.89 -26.79
C LEU A 164 32.28 -30.12 -26.69
N THR A 165 33.27 -30.25 -27.57
CA THR A 165 34.20 -31.42 -27.54
C THR A 165 35.55 -30.97 -26.99
N VAL A 166 35.91 -31.43 -25.79
CA VAL A 166 37.24 -31.08 -25.22
C VAL A 166 38.22 -32.20 -25.58
N SER A 167 39.18 -31.93 -26.46
CA SER A 167 40.19 -32.94 -26.87
C SER A 167 40.78 -33.61 -25.63
N SER A 183 26.75 -35.16 0.44
CA SER A 183 25.82 -34.06 0.83
C SER A 183 24.66 -33.77 -0.12
N ASP A 184 24.94 -33.66 -1.42
CA ASP A 184 23.83 -33.40 -2.40
C ASP A 184 22.98 -34.67 -2.50
N ILE A 185 21.66 -34.54 -2.66
CA ILE A 185 20.76 -35.73 -2.73
C ILE A 185 20.98 -36.65 -3.93
N VAL A 186 20.96 -37.96 -3.73
CA VAL A 186 21.27 -38.91 -4.83
C VAL A 186 19.97 -39.41 -5.45
N MET A 187 19.76 -39.15 -6.75
CA MET A 187 18.55 -39.64 -7.46
C MET A 187 18.89 -40.98 -8.10
N THR A 188 18.30 -42.18 -7.69
CA THR A 188 18.66 -43.55 -8.16
C THR A 188 17.58 -44.11 -9.06
N GLN A 189 17.73 -44.04 -10.39
CA GLN A 189 16.75 -44.70 -11.28
C GLN A 189 17.29 -46.12 -11.46
N ALA A 190 16.68 -47.09 -10.82
CA ALA A 190 17.23 -48.47 -10.83
C ALA A 190 17.19 -49.07 -12.22
N THR A 191 16.05 -49.02 -12.90
CA THR A 191 15.98 -49.70 -14.21
C THR A 191 16.61 -48.79 -15.25
N SER A 192 17.75 -49.17 -15.82
CA SER A 192 18.35 -48.35 -16.89
C SER A 192 17.46 -48.44 -18.14
N SER A 193 16.91 -49.62 -18.40
CA SER A 193 16.05 -49.82 -19.59
C SER A 193 14.81 -50.63 -19.22
N VAL A 194 13.73 -50.47 -19.99
CA VAL A 194 12.46 -51.19 -19.75
C VAL A 194 11.86 -51.42 -21.15
N PRO A 195 11.81 -52.66 -21.72
CA PRO A 195 11.15 -52.89 -23.02
C PRO A 195 9.62 -52.86 -22.89
N VAL A 196 8.94 -52.19 -23.82
CA VAL A 196 7.46 -52.04 -23.74
C VAL A 196 6.86 -51.87 -25.13
N THR A 197 5.69 -52.47 -25.39
CA THR A 197 5.02 -52.35 -26.71
C THR A 197 3.88 -51.34 -26.59
N PRO A 198 3.44 -50.65 -27.66
CA PRO A 198 2.42 -49.59 -27.54
C PRO A 198 1.09 -50.12 -26.99
N GLY A 199 0.38 -49.31 -26.20
CA GLY A 199 -0.91 -49.72 -25.61
C GLY A 199 -0.77 -50.20 -24.18
N GLU A 200 0.47 -50.52 -23.75
CA GLU A 200 0.71 -51.03 -22.38
C GLU A 200 0.85 -49.86 -21.40
N SER A 201 1.08 -50.17 -20.12
CA SER A 201 1.24 -49.11 -19.08
C SER A 201 2.56 -49.32 -18.34
N VAL A 202 3.42 -48.29 -18.30
CA VAL A 202 4.75 -48.42 -17.64
C VAL A 202 4.71 -47.70 -16.29
N SER A 203 5.72 -47.91 -15.44
CA SER A 203 5.79 -47.22 -14.13
C SER A 203 7.25 -46.94 -13.77
N ILE A 204 7.91 -46.04 -14.50
CA ILE A 204 9.34 -45.67 -14.22
C ILE A 204 9.47 -45.21 -12.77
N SER A 205 10.40 -45.79 -12.01
CA SER A 205 10.56 -45.44 -10.58
C SER A 205 11.84 -44.65 -10.34
N CYS A 206 11.89 -43.86 -9.26
CA CYS A 206 13.09 -43.07 -8.91
C CYS A 206 13.13 -42.90 -7.38
N ARG A 207 14.23 -43.31 -6.76
CA ARG A 207 14.35 -43.23 -5.28
C ARG A 207 15.22 -42.03 -4.91
N SER A 208 15.12 -41.56 -3.67
CA SER A 208 15.88 -40.34 -3.26
C SER A 208 16.64 -40.61 -1.97
N SER A 209 17.80 -39.96 -1.81
CA SER A 209 18.56 -40.09 -0.54
C SER A 209 17.76 -39.45 0.60
N LYS A 210 17.14 -38.30 0.35
CA LYS A 210 16.39 -37.57 1.40
C LYS A 210 14.94 -37.38 0.95
N SER A 211 14.00 -37.32 1.89
CA SER A 211 12.60 -37.04 1.50
C SER A 211 12.55 -35.67 0.81
N LEU A 212 12.03 -35.62 -0.40
CA LEU A 212 11.98 -34.35 -1.17
C LEU A 212 10.72 -33.57 -0.77
N LEU A 213 9.95 -34.08 0.18
CA LEU A 213 8.75 -33.36 0.67
C LEU A 213 9.19 -32.27 1.64
N HIS A 214 9.22 -31.02 1.19
CA HIS A 214 9.55 -29.89 2.11
C HIS A 214 8.36 -29.65 3.04
N SER A 215 8.57 -28.90 4.12
CA SER A 215 7.49 -28.62 5.09
C SER A 215 6.34 -27.88 4.40
N ASN A 216 6.64 -27.13 3.34
CA ASN A 216 5.60 -26.36 2.61
C ASN A 216 4.60 -27.34 1.96
N GLY A 217 4.86 -28.64 2.06
CA GLY A 217 3.91 -29.64 1.52
C GLY A 217 4.12 -29.91 0.04
N ASN A 218 5.16 -29.31 -0.55
CA ASN A 218 5.44 -29.50 -1.99
C ASN A 218 6.56 -30.52 -2.15
N THR A 219 6.30 -31.65 -2.79
CA THR A 219 7.39 -32.62 -3.07
C THR A 219 8.09 -32.17 -4.35
N TYR A 220 9.32 -31.66 -4.25
CA TYR A 220 10.00 -31.09 -5.44
C TYR A 220 10.71 -32.18 -6.24
N LEU A 221 9.95 -33.03 -6.94
CA LEU A 221 10.56 -34.04 -7.85
C LEU A 221 10.04 -33.76 -9.25
N TYR A 222 10.93 -33.58 -10.22
CA TYR A 222 10.47 -33.21 -11.58
C TYR A 222 10.80 -34.36 -12.55
N TRP A 223 9.89 -34.66 -13.47
CA TRP A 223 10.12 -35.73 -14.47
C TRP A 223 10.34 -35.10 -15.85
N PHE A 224 11.36 -35.55 -16.58
CA PHE A 224 11.63 -35.01 -17.93
C PHE A 224 11.76 -36.16 -18.93
N LEU A 225 11.39 -35.93 -20.19
CA LEU A 225 11.50 -36.98 -21.24
C LEU A 225 12.40 -36.47 -22.36
N GLN A 226 13.48 -37.21 -22.65
CA GLN A 226 14.35 -36.84 -23.80
C GLN A 226 14.08 -37.82 -24.94
N ARG A 227 13.15 -37.47 -25.83
CA ARG A 227 12.88 -38.33 -27.00
C ARG A 227 14.14 -38.38 -27.87
N PRO A 228 14.49 -39.52 -28.52
CA PRO A 228 15.73 -39.62 -29.30
C PRO A 228 15.87 -38.45 -30.27
N GLY A 229 17.04 -37.80 -30.25
CA GLY A 229 17.31 -36.67 -31.16
C GLY A 229 16.43 -35.47 -30.84
N GLN A 230 16.27 -35.14 -29.56
CA GLN A 230 15.40 -34.02 -29.16
C GLN A 230 15.77 -33.58 -27.74
N SER A 231 15.61 -32.29 -27.44
CA SER A 231 15.91 -31.77 -26.09
C SER A 231 14.90 -32.31 -25.07
N PRO A 232 15.27 -32.52 -23.77
CA PRO A 232 14.29 -32.95 -22.78
C PRO A 232 13.04 -32.07 -22.71
N GLN A 233 11.92 -32.63 -22.24
CA GLN A 233 10.66 -31.88 -22.13
C GLN A 233 10.01 -32.17 -20.78
N LEU A 234 9.64 -31.13 -20.03
CA LEU A 234 9.03 -31.33 -18.68
C LEU A 234 7.74 -32.12 -18.86
N LEU A 235 7.59 -33.20 -18.10
CA LEU A 235 6.33 -33.99 -18.14
C LEU A 235 5.55 -33.72 -16.86
N ILE A 236 6.17 -33.96 -15.71
CA ILE A 236 5.47 -33.79 -14.40
C ILE A 236 6.31 -32.89 -13.51
N TYR A 237 5.73 -31.80 -13.02
CA TYR A 237 6.48 -30.91 -12.08
C TYR A 237 5.94 -31.07 -10.66
N ARG A 238 6.82 -30.92 -9.68
CA ARG A 238 6.44 -31.05 -8.25
C ARG A 238 5.70 -32.37 -7.99
N MET A 239 6.29 -33.50 -8.41
CA MET A 239 5.75 -34.86 -8.10
C MET A 239 4.46 -35.22 -8.84
N SER A 240 3.45 -34.36 -8.85
CA SER A 240 2.15 -34.76 -9.45
C SER A 240 1.67 -33.81 -10.53
N ASN A 241 1.89 -32.50 -10.36
CA ASN A 241 1.36 -31.50 -11.33
C ASN A 241 1.83 -31.86 -12.74
N LEU A 242 0.90 -32.08 -13.66
CA LEU A 242 1.26 -32.41 -15.08
C LEU A 242 1.56 -31.12 -15.81
N ALA A 243 2.58 -31.13 -16.68
CA ALA A 243 2.99 -29.90 -17.39
C ALA A 243 2.03 -29.60 -18.54
N SER A 244 2.06 -28.37 -19.04
CA SER A 244 1.15 -27.97 -20.15
C SER A 244 1.59 -28.61 -21.46
N GLY A 245 0.64 -29.00 -22.31
CA GLY A 245 0.96 -29.58 -23.62
C GLY A 245 1.37 -31.04 -23.52
N VAL A 246 1.28 -31.61 -22.31
CA VAL A 246 1.67 -33.03 -22.10
C VAL A 246 0.40 -33.88 -22.08
N PRO A 247 0.26 -34.96 -22.87
CA PRO A 247 -0.92 -35.83 -22.78
C PRO A 247 -1.24 -36.27 -21.34
N ASP A 248 -2.51 -36.56 -21.07
CA ASP A 248 -2.94 -36.91 -19.68
C ASP A 248 -2.48 -38.33 -19.31
N ARG A 249 -2.00 -39.12 -20.28
CA ARG A 249 -1.63 -40.53 -19.99
C ARG A 249 -0.51 -40.59 -18.96
N PHE A 250 0.27 -39.51 -18.83
CA PHE A 250 1.39 -39.45 -17.85
C PHE A 250 0.83 -39.08 -16.47
N SER A 251 1.25 -39.82 -15.44
CA SER A 251 0.75 -39.56 -14.07
C SER A 251 1.89 -39.73 -13.06
N GLY A 252 2.01 -38.80 -12.10
CA GLY A 252 3.13 -38.85 -11.15
C GLY A 252 2.68 -39.18 -9.74
N SER A 253 3.24 -40.24 -9.16
CA SER A 253 2.91 -40.62 -7.76
C SER A 253 4.20 -40.57 -6.93
N GLY A 254 4.09 -40.24 -5.64
CA GLY A 254 5.30 -40.09 -4.83
C GLY A 254 5.06 -40.35 -3.35
N SER A 255 6.10 -40.76 -2.63
CA SER A 255 5.97 -41.03 -1.17
C SER A 255 6.95 -40.15 -0.40
N GLY A 256 7.58 -39.19 -1.07
CA GLY A 256 8.59 -38.34 -0.41
C GLY A 256 10.00 -38.84 -0.69
N THR A 257 10.22 -40.14 -0.59
CA THR A 257 11.56 -40.72 -0.91
C THR A 257 11.46 -41.49 -2.23
N ALA A 258 10.42 -42.30 -2.40
CA ALA A 258 10.27 -43.10 -3.63
C ALA A 258 9.18 -42.51 -4.51
N PHE A 259 9.45 -42.36 -5.81
CA PHE A 259 8.47 -41.74 -6.73
C PHE A 259 8.24 -42.68 -7.91
N THR A 260 7.13 -42.51 -8.62
CA THR A 260 6.80 -43.41 -9.76
C THR A 260 6.04 -42.65 -10.84
N LEU A 261 6.54 -42.65 -12.07
CA LEU A 261 5.82 -42.02 -13.20
C LEU A 261 5.07 -43.11 -13.96
N THR A 262 3.74 -43.09 -13.91
CA THR A 262 2.92 -44.09 -14.65
C THR A 262 2.50 -43.53 -16.01
N ILE A 263 2.98 -44.12 -17.10
CA ILE A 263 2.55 -43.71 -18.47
C ILE A 263 1.59 -44.78 -18.98
N SER A 264 0.29 -44.49 -18.97
CA SER A 264 -0.74 -45.46 -19.41
C SER A 264 -0.91 -45.39 -20.93
N ARG A 265 -1.38 -46.48 -21.55
CA ARG A 265 -1.58 -46.52 -23.03
C ARG A 265 -0.34 -45.95 -23.74
N LEU A 266 0.81 -46.65 -23.63
CA LEU A 266 2.06 -46.15 -24.24
C LEU A 266 1.88 -45.93 -25.74
N GLU A 267 2.48 -44.86 -26.28
CA GLU A 267 2.44 -44.62 -27.75
C GLU A 267 3.87 -44.68 -28.30
N ALA A 268 4.04 -44.42 -29.59
CA ALA A 268 5.38 -44.40 -30.21
C ALA A 268 6.13 -43.16 -29.77
N GLU A 269 5.41 -42.05 -29.54
CA GLU A 269 6.03 -40.77 -29.13
C GLU A 269 6.72 -40.94 -27.78
N ASP A 270 6.18 -41.79 -26.91
CA ASP A 270 6.72 -41.92 -25.53
C ASP A 270 8.05 -42.70 -25.50
N VAL A 271 8.67 -43.01 -26.64
CA VAL A 271 10.00 -43.69 -26.57
C VAL A 271 11.05 -42.64 -26.20
N GLY A 272 12.00 -43.00 -25.33
CA GLY A 272 13.07 -42.06 -24.92
C GLY A 272 13.59 -42.39 -23.54
N VAL A 273 14.39 -41.50 -22.97
CA VAL A 273 14.93 -41.71 -21.59
C VAL A 273 14.17 -40.78 -20.64
N TYR A 274 13.91 -41.25 -19.41
CA TYR A 274 13.15 -40.44 -18.41
C TYR A 274 14.06 -40.10 -17.24
N TYR A 275 14.20 -38.81 -16.92
CA TYR A 275 15.12 -38.37 -15.84
C TYR A 275 14.32 -37.78 -14.68
N CYS A 276 14.70 -38.12 -13.44
CA CYS A 276 14.02 -37.52 -12.25
C CYS A 276 14.96 -36.50 -11.60
N MET A 277 14.57 -35.22 -11.60
CA MET A 277 15.43 -34.17 -11.03
C MET A 277 14.82 -33.70 -9.72
N GLN A 278 15.67 -33.42 -8.72
CA GLN A 278 15.17 -32.87 -7.43
C GLN A 278 15.36 -31.35 -7.45
N HIS A 279 14.45 -30.61 -6.83
CA HIS A 279 14.62 -29.13 -6.73
C HIS A 279 14.52 -28.72 -5.26
N LEU A 280 14.70 -29.68 -4.34
CA LEU A 280 14.65 -29.36 -2.89
C LEU A 280 15.79 -28.40 -2.56
N GLU A 281 16.99 -28.66 -3.10
CA GLU A 281 18.17 -27.81 -2.79
C GLU A 281 19.21 -27.89 -3.91
N TYR A 282 20.08 -26.88 -4.00
CA TYR A 282 21.17 -26.88 -5.01
C TYR A 282 22.43 -27.47 -4.35
N PRO A 283 23.16 -28.42 -4.98
CA PRO A 283 23.03 -28.69 -6.41
C PRO A 283 21.81 -29.52 -6.84
N LEU A 284 21.15 -29.12 -7.93
CA LEU A 284 20.02 -29.92 -8.46
C LEU A 284 20.62 -31.23 -8.98
N THR A 285 19.97 -32.36 -8.70
CA THR A 285 20.56 -33.66 -9.11
C THR A 285 19.60 -34.40 -10.04
N PHE A 286 20.06 -34.76 -11.25
CA PHE A 286 19.23 -35.54 -12.19
C PHE A 286 19.46 -37.03 -11.98
N GLY A 287 18.49 -37.86 -12.38
CA GLY A 287 18.64 -39.32 -12.25
C GLY A 287 19.42 -39.91 -13.42
N ALA A 288 19.89 -41.14 -13.29
CA ALA A 288 20.69 -41.78 -14.37
C ALA A 288 19.87 -41.89 -15.65
N GLY A 289 18.56 -42.12 -15.52
CA GLY A 289 17.68 -42.18 -16.71
C GLY A 289 17.17 -43.58 -16.99
N THR A 290 15.86 -43.72 -17.20
CA THR A 290 15.28 -45.05 -17.56
C THR A 290 14.78 -45.00 -19.00
N LYS A 291 15.38 -45.78 -19.89
CA LYS A 291 14.99 -45.74 -21.33
C LYS A 291 13.78 -46.63 -21.58
N LEU A 292 12.82 -46.16 -22.39
CA LEU A 292 11.65 -46.99 -22.76
C LEU A 292 11.81 -47.35 -24.24
N GLU A 293 12.16 -48.60 -24.54
CA GLU A 293 12.41 -49.00 -25.94
C GLU A 293 11.17 -49.71 -26.51
N LEU A 294 10.84 -49.45 -27.77
CA LEU A 294 9.64 -50.07 -28.41
C LEU A 294 9.99 -51.48 -28.89
N ARG B 22 -50.21 2.33 -15.56
CA ARG B 22 -50.39 3.45 -14.60
C ARG B 22 -51.26 2.98 -13.44
N GLN B 23 -52.58 3.04 -13.62
CA GLN B 23 -53.52 2.55 -12.59
C GLN B 23 -53.29 1.05 -12.43
N GLU B 24 -53.23 0.32 -13.54
CA GLU B 24 -52.94 -1.14 -13.48
C GLU B 24 -51.61 -1.32 -12.75
N ALA B 25 -50.63 -0.45 -13.01
CA ALA B 25 -49.29 -0.61 -12.42
C ALA B 25 -49.37 -0.57 -10.88
N GLU B 26 -50.01 0.46 -10.33
CA GLU B 26 -50.07 0.60 -8.85
C GLU B 26 -50.92 -0.54 -8.27
N GLN B 27 -51.93 -0.97 -9.02
CA GLN B 27 -52.76 -2.11 -8.57
C GLN B 27 -51.84 -3.31 -8.39
N LEU B 28 -51.06 -3.64 -9.42
CA LEU B 28 -50.12 -4.78 -9.34
C LEU B 28 -49.16 -4.55 -8.17
N LYS B 29 -48.72 -3.31 -7.98
CA LYS B 29 -47.74 -3.01 -6.91
C LYS B 29 -48.33 -3.39 -5.56
N ASN B 30 -49.51 -2.84 -5.24
CA ASN B 30 -50.10 -3.12 -3.90
C ASN B 30 -50.43 -4.61 -3.83
N GLN B 31 -50.72 -5.23 -4.98
CA GLN B 31 -50.99 -6.69 -5.00
C GLN B 31 -49.73 -7.41 -4.49
N ILE B 32 -48.57 -7.08 -5.07
CA ILE B 32 -47.29 -7.71 -4.65
C ILE B 32 -47.10 -7.44 -3.15
N ARG B 33 -47.32 -6.20 -2.73
CA ARG B 33 -47.13 -5.83 -1.31
C ARG B 33 -47.96 -6.74 -0.42
N ASP B 34 -49.26 -6.88 -0.72
CA ASP B 34 -50.14 -7.67 0.19
C ASP B 34 -49.74 -9.14 0.17
N ALA B 35 -49.23 -9.65 -0.97
CA ALA B 35 -48.78 -11.06 -1.02
C ALA B 35 -47.63 -11.26 -0.03
N ARG B 36 -46.62 -10.40 -0.11
CA ARG B 36 -45.46 -10.53 0.80
C ARG B 36 -45.97 -10.52 2.24
N LYS B 37 -46.92 -9.63 2.54
CA LYS B 37 -47.43 -9.50 3.92
C LYS B 37 -48.05 -10.84 4.35
N ALA B 38 -48.83 -11.46 3.47
CA ALA B 38 -49.46 -12.75 3.79
C ALA B 38 -48.38 -13.76 4.15
N CYS B 39 -47.27 -13.75 3.41
CA CYS B 39 -46.16 -14.71 3.66
C CYS B 39 -45.37 -14.30 4.90
N ALA B 40 -45.51 -13.06 5.36
CA ALA B 40 -44.77 -12.59 6.57
C ALA B 40 -45.46 -13.12 7.84
N ASP B 41 -45.54 -14.44 7.99
CA ASP B 41 -46.24 -15.04 9.16
C ASP B 41 -45.46 -14.74 10.44
N ALA B 42 -44.12 -14.79 10.39
CA ALA B 42 -43.30 -14.53 11.59
C ALA B 42 -42.08 -13.69 11.21
N THR B 43 -41.11 -13.59 12.12
CA THR B 43 -39.86 -12.86 11.80
C THR B 43 -38.66 -13.77 12.04
N LEU B 44 -37.57 -13.54 11.31
CA LEU B 44 -36.33 -14.33 11.53
C LEU B 44 -35.96 -14.16 12.99
N SER B 45 -36.09 -12.94 13.52
CA SER B 45 -35.74 -12.66 14.94
C SER B 45 -36.57 -13.55 15.86
N GLN B 46 -37.90 -13.55 15.71
CA GLN B 46 -38.78 -14.41 16.54
C GLN B 46 -38.31 -15.86 16.44
N ILE B 47 -38.04 -16.33 15.21
CA ILE B 47 -37.64 -17.75 15.02
C ILE B 47 -36.35 -18.04 15.79
N THR B 48 -35.31 -17.23 15.61
CA THR B 48 -33.99 -17.54 16.22
C THR B 48 -33.91 -17.09 17.68
N ASN B 49 -35.04 -16.65 18.25
CA ASN B 49 -34.98 -16.12 19.64
C ASN B 49 -34.33 -17.16 20.55
N ASN B 50 -34.48 -18.44 20.23
CA ASN B 50 -33.94 -19.50 21.12
C ASN B 50 -32.50 -19.88 20.71
N ILE B 51 -32.10 -19.57 19.48
CA ILE B 51 -30.75 -19.95 18.99
C ILE B 51 -29.69 -19.27 19.86
N ASP B 52 -28.73 -20.04 20.40
CA ASP B 52 -27.68 -19.48 21.29
C ASP B 52 -26.78 -18.53 20.50
N PRO B 53 -26.38 -17.37 21.05
CA PRO B 53 -25.58 -16.40 20.30
C PRO B 53 -24.22 -16.99 19.92
N VAL B 54 -23.64 -16.51 18.82
CA VAL B 54 -22.30 -17.01 18.38
C VAL B 54 -21.27 -16.61 19.44
N GLY B 55 -21.54 -15.54 20.20
CA GLY B 55 -20.57 -15.07 21.20
C GLY B 55 -19.55 -14.12 20.60
N ARG B 56 -18.57 -13.69 21.39
CA ARG B 56 -17.55 -12.73 20.88
C ARG B 56 -16.65 -13.43 19.86
N ILE B 57 -16.58 -12.89 18.65
CA ILE B 57 -15.68 -13.46 17.61
C ILE B 57 -14.45 -12.57 17.54
N GLN B 58 -13.44 -12.86 18.36
CA GLN B 58 -12.19 -12.07 18.35
C GLN B 58 -11.28 -12.59 17.25
N MET B 59 -11.18 -11.85 16.14
CA MET B 59 -10.27 -12.26 15.04
C MET B 59 -9.13 -11.25 14.95
N ARG B 60 -7.90 -11.73 14.87
CA ARG B 60 -6.73 -10.81 14.87
C ARG B 60 -6.06 -10.82 13.50
N THR B 61 -5.50 -9.68 13.09
CA THR B 61 -4.77 -9.63 11.79
C THR B 61 -3.68 -10.69 11.81
N ARG B 62 -3.76 -11.65 10.90
CA ARG B 62 -2.71 -12.71 10.81
C ARG B 62 -1.66 -12.30 9.78
N ARG B 63 -2.06 -11.57 8.74
CA ARG B 63 -1.09 -11.10 7.71
C ARG B 63 -1.45 -9.68 7.28
N THR B 64 -0.49 -8.89 6.80
CA THR B 64 -0.80 -7.54 6.24
C THR B 64 -0.05 -7.44 4.92
N LEU B 65 -0.79 -7.32 3.82
CA LEU B 65 -0.17 -7.30 2.47
C LEU B 65 0.06 -5.84 2.09
N ARG B 66 1.29 -5.35 2.31
CA ARG B 66 1.64 -3.95 1.96
C ARG B 66 2.38 -3.94 0.62
N GLY B 67 2.19 -2.89 -0.19
CA GLY B 67 2.84 -2.80 -1.50
C GLY B 67 2.06 -1.92 -2.47
N HIS B 68 0.74 -1.81 -2.27
CA HIS B 68 -0.08 -0.92 -3.13
C HIS B 68 0.29 0.54 -2.87
N LEU B 69 0.43 1.35 -3.92
CA LEU B 69 0.86 2.77 -3.75
C LEU B 69 -0.34 3.63 -3.37
N ALA B 70 -1.51 3.37 -3.98
CA ALA B 70 -2.70 4.22 -3.72
C ALA B 70 -3.81 3.44 -3.01
N LYS B 71 -5.01 4.01 -2.94
CA LYS B 71 -6.14 3.38 -2.21
C LYS B 71 -6.56 2.08 -2.87
N ILE B 72 -6.62 0.99 -2.10
CA ILE B 72 -7.14 -0.30 -2.66
C ILE B 72 -8.65 -0.13 -2.83
N TYR B 73 -9.18 -0.43 -4.02
CA TYR B 73 -10.63 -0.19 -4.27
C TYR B 73 -11.38 -1.51 -4.45
N ALA B 74 -10.67 -2.61 -4.69
CA ALA B 74 -11.30 -3.93 -4.92
C ALA B 74 -10.31 -5.06 -4.61
N MET B 75 -10.83 -6.25 -4.31
CA MET B 75 -10.00 -7.44 -4.05
C MET B 75 -10.87 -8.66 -4.36
N HIS B 76 -10.27 -9.80 -4.71
CA HIS B 76 -11.06 -11.03 -4.90
C HIS B 76 -10.20 -12.23 -4.53
N TRP B 77 -10.71 -13.12 -3.68
CA TRP B 77 -9.96 -14.35 -3.34
C TRP B 77 -10.06 -15.34 -4.50
N GLY B 78 -8.99 -16.06 -4.80
CA GLY B 78 -9.07 -17.13 -5.82
C GLY B 78 -9.67 -18.37 -5.21
N THR B 79 -10.18 -19.28 -6.02
CA THR B 79 -10.88 -20.47 -5.48
C THR B 79 -9.92 -21.23 -4.56
N ASP B 80 -8.62 -21.21 -4.85
CA ASP B 80 -7.61 -21.94 -4.04
C ASP B 80 -7.57 -21.40 -2.62
N SER B 81 -8.16 -20.23 -2.38
CA SER B 81 -8.13 -19.60 -1.03
C SER B 81 -6.69 -19.37 -0.60
N ARG B 82 -5.81 -19.02 -1.53
CA ARG B 82 -4.40 -18.74 -1.21
C ARG B 82 -3.95 -17.51 -1.99
N LEU B 83 -4.46 -17.35 -3.21
CA LEU B 83 -4.07 -16.21 -4.04
C LEU B 83 -5.28 -15.27 -4.05
N LEU B 84 -5.02 -13.97 -4.14
CA LEU B 84 -6.11 -12.98 -4.24
C LEU B 84 -5.59 -11.83 -5.09
N VAL B 85 -6.44 -11.26 -5.93
CA VAL B 85 -6.04 -10.07 -6.73
C VAL B 85 -6.50 -8.83 -5.97
N SER B 86 -5.78 -7.72 -6.13
CA SER B 86 -6.14 -6.46 -5.43
C SER B 86 -5.99 -5.28 -6.38
N ALA B 87 -7.05 -4.49 -6.55
CA ALA B 87 -7.00 -3.32 -7.46
C ALA B 87 -6.68 -2.07 -6.65
N SER B 88 -6.02 -1.10 -7.29
CA SER B 88 -5.68 0.18 -6.60
C SER B 88 -5.82 1.34 -7.59
N GLN B 89 -5.93 2.57 -7.08
CA GLN B 89 -6.14 3.73 -7.97
C GLN B 89 -4.81 4.10 -8.64
N ASP B 90 -3.73 3.41 -8.31
CA ASP B 90 -2.42 3.67 -8.96
C ASP B 90 -2.35 2.85 -10.25
N GLY B 91 -3.40 2.10 -10.56
CA GLY B 91 -3.44 1.31 -11.81
C GLY B 91 -2.55 0.08 -11.73
N LYS B 92 -2.64 -0.68 -10.63
CA LYS B 92 -1.84 -1.93 -10.51
C LYS B 92 -2.67 -3.05 -9.89
N LEU B 93 -2.78 -4.18 -10.58
CA LEU B 93 -3.48 -5.36 -10.00
C LEU B 93 -2.38 -6.29 -9.47
N ILE B 94 -2.29 -6.45 -8.17
CA ILE B 94 -1.21 -7.30 -7.61
C ILE B 94 -1.82 -8.63 -7.16
N ILE B 95 -1.33 -9.75 -7.68
CA ILE B 95 -1.76 -11.09 -7.17
C ILE B 95 -0.84 -11.40 -5.99
N TRP B 96 -1.41 -11.77 -4.83
CA TRP B 96 -0.59 -12.01 -3.61
C TRP B 96 -0.71 -13.47 -3.16
N ASP B 97 0.40 -14.07 -2.72
CA ASP B 97 0.32 -15.43 -2.11
C ASP B 97 0.07 -15.19 -0.63
N SER B 98 -1.18 -15.11 -0.21
CA SER B 98 -1.50 -14.75 1.19
C SER B 98 -0.69 -15.60 2.18
N TYR B 99 -0.57 -16.90 1.93
CA TYR B 99 0.11 -17.78 2.92
C TYR B 99 1.53 -17.26 3.20
N THR B 100 2.22 -16.73 2.18
CA THR B 100 3.63 -16.34 2.36
C THR B 100 3.83 -14.84 2.10
N THR B 101 2.75 -14.09 1.92
CA THR B 101 2.81 -12.62 1.67
C THR B 101 3.76 -12.30 0.51
N ASN B 102 3.91 -13.21 -0.44
CA ASN B 102 4.78 -12.96 -1.62
C ASN B 102 3.95 -12.43 -2.78
N LYS B 103 4.35 -11.32 -3.39
CA LYS B 103 3.62 -10.81 -4.58
C LYS B 103 3.92 -11.74 -5.75
N VAL B 104 2.91 -12.48 -6.23
CA VAL B 104 3.09 -13.45 -7.34
C VAL B 104 3.22 -12.68 -8.66
N HIS B 105 2.27 -11.78 -8.94
CA HIS B 105 2.29 -11.01 -10.20
C HIS B 105 1.89 -9.57 -9.95
N ALA B 106 2.31 -8.65 -10.82
CA ALA B 106 1.90 -7.23 -10.70
C ALA B 106 1.52 -6.74 -12.09
N ILE B 107 0.22 -6.52 -12.35
CA ILE B 107 -0.22 -6.17 -13.73
C ILE B 107 -0.39 -4.66 -13.84
N PRO B 108 0.37 -3.94 -14.72
CA PRO B 108 0.11 -2.51 -14.93
C PRO B 108 -1.19 -2.35 -15.72
N LEU B 109 -2.06 -1.44 -15.30
CA LEU B 109 -3.37 -1.28 -15.97
C LEU B 109 -3.37 0.00 -16.82
N ARG B 110 -4.02 -0.04 -17.98
CA ARG B 110 -4.03 1.15 -18.89
C ARG B 110 -4.68 2.33 -18.16
N SER B 111 -5.90 2.15 -17.66
CA SER B 111 -6.59 3.25 -16.92
C SER B 111 -6.27 3.13 -15.43
N SER B 112 -5.75 4.21 -14.85
CA SER B 112 -5.37 4.18 -13.41
C SER B 112 -6.61 4.05 -12.54
N TRP B 113 -7.75 4.56 -13.00
CA TRP B 113 -8.98 4.57 -12.17
C TRP B 113 -9.72 3.25 -12.32
N VAL B 114 -9.41 2.27 -11.46
CA VAL B 114 -10.04 0.92 -11.55
C VAL B 114 -10.93 0.74 -10.32
N MET B 115 -12.21 0.42 -10.53
CA MET B 115 -13.15 0.32 -9.38
C MET B 115 -13.46 -1.14 -9.04
N THR B 116 -13.08 -2.09 -9.90
CA THR B 116 -13.45 -3.52 -9.63
C THR B 116 -12.37 -4.48 -10.11
N CYS B 117 -12.26 -5.65 -9.46
CA CYS B 117 -11.29 -6.69 -9.92
C CYS B 117 -11.88 -8.08 -9.62
N ALA B 118 -11.84 -8.93 -10.56
CA ALA B 118 -12.36 -10.30 -10.34
C ALA B 118 -11.27 -11.33 -10.56
N TYR B 119 -11.43 -12.49 -9.95
CA TYR B 119 -10.51 -13.60 -10.13
C TYR B 119 -11.27 -14.76 -10.73
N ALA B 120 -10.85 -15.30 -11.88
CA ALA B 120 -11.53 -16.45 -12.52
C ALA B 120 -11.56 -17.67 -11.59
N PRO B 121 -12.62 -18.51 -11.60
CA PRO B 121 -12.66 -19.67 -10.74
C PRO B 121 -11.49 -20.59 -11.09
N SER B 122 -11.17 -20.73 -12.39
CA SER B 122 -10.03 -21.56 -12.84
C SER B 122 -8.72 -21.01 -12.31
N GLY B 123 -8.63 -19.65 -12.32
CA GLY B 123 -7.34 -19.06 -11.89
C GLY B 123 -6.50 -18.69 -13.09
N ASN B 124 -7.00 -18.95 -14.29
CA ASN B 124 -6.21 -18.68 -15.51
C ASN B 124 -6.35 -17.22 -15.90
N TYR B 125 -7.43 -16.56 -15.48
CA TYR B 125 -7.66 -15.16 -15.93
C TYR B 125 -7.99 -14.25 -14.75
N VAL B 126 -7.83 -12.94 -14.93
CA VAL B 126 -8.19 -11.95 -13.87
C VAL B 126 -8.71 -10.72 -14.61
N ALA B 127 -9.89 -10.22 -14.24
CA ALA B 127 -10.46 -9.08 -15.00
C ALA B 127 -10.55 -7.85 -14.11
N CYS B 128 -10.47 -6.66 -14.70
CA CYS B 128 -10.59 -5.41 -13.92
C CYS B 128 -11.35 -4.39 -14.75
N GLY B 129 -11.93 -3.38 -14.10
CA GLY B 129 -12.66 -2.32 -14.83
C GLY B 129 -12.86 -1.11 -13.94
N GLY B 130 -13.26 0.02 -14.53
CA GLY B 130 -13.54 1.22 -13.72
C GLY B 130 -14.09 2.36 -14.56
N LEU B 131 -13.63 3.59 -14.30
CA LEU B 131 -14.15 4.78 -15.01
C LEU B 131 -13.76 4.72 -16.48
N ASP B 132 -12.99 3.71 -16.88
CA ASP B 132 -12.63 3.52 -18.31
C ASP B 132 -13.85 3.03 -19.07
N ASN B 133 -14.83 2.44 -18.37
CA ASN B 133 -16.05 1.85 -19.01
C ASN B 133 -15.65 0.58 -19.77
N ILE B 134 -14.47 0.03 -19.49
CA ILE B 134 -13.97 -1.18 -20.21
C ILE B 134 -13.66 -2.26 -19.17
N CYS B 135 -14.00 -3.51 -19.47
CA CYS B 135 -13.65 -4.65 -18.58
C CYS B 135 -12.51 -5.43 -19.25
N SER B 136 -11.28 -5.29 -18.76
CA SER B 136 -10.12 -5.94 -19.42
C SER B 136 -9.81 -7.27 -18.76
N ILE B 137 -9.88 -8.37 -19.52
CA ILE B 137 -9.54 -9.71 -18.96
C ILE B 137 -8.04 -9.94 -19.19
N TYR B 138 -7.32 -10.37 -18.16
CA TYR B 138 -5.85 -10.58 -18.26
C TYR B 138 -5.53 -12.06 -18.14
N ASN B 139 -4.91 -12.65 -19.16
CA ASN B 139 -4.52 -14.08 -19.11
C ASN B 139 -3.28 -14.22 -18.24
N LEU B 140 -3.44 -14.74 -17.03
CA LEU B 140 -2.29 -14.86 -16.09
C LEU B 140 -1.33 -15.93 -16.60
N LYS B 141 -1.85 -17.04 -17.11
CA LYS B 141 -0.97 -18.17 -17.50
C LYS B 141 -0.69 -18.13 -19.01
N THR B 142 0.39 -17.47 -19.42
CA THR B 142 0.77 -17.43 -20.85
C THR B 142 2.10 -18.16 -21.04
N ARG B 143 2.41 -18.58 -22.26
CA ARG B 143 3.71 -19.24 -22.54
C ARG B 143 4.82 -18.19 -22.45
N GLU B 144 4.55 -16.96 -22.89
CA GLU B 144 5.59 -15.89 -22.89
C GLU B 144 5.98 -15.55 -21.45
N GLY B 145 5.13 -15.88 -20.47
CA GLY B 145 5.49 -15.67 -19.06
C GLY B 145 5.12 -14.28 -18.55
N ASN B 146 4.51 -13.43 -19.39
CA ASN B 146 4.06 -12.11 -18.93
C ASN B 146 2.53 -12.05 -18.95
N VAL B 147 1.92 -11.44 -17.92
CA VAL B 147 0.44 -11.28 -17.92
C VAL B 147 0.05 -10.37 -19.09
N ARG B 148 -0.84 -10.83 -19.95
CA ARG B 148 -1.21 -10.05 -21.16
C ARG B 148 -2.73 -9.88 -21.20
N VAL B 149 -3.20 -8.69 -21.57
CA VAL B 149 -4.67 -8.46 -21.68
C VAL B 149 -5.23 -9.37 -22.77
N SER B 150 -6.06 -10.33 -22.37
CA SER B 150 -6.70 -11.23 -23.37
C SER B 150 -7.71 -10.43 -24.20
N ARG B 151 -8.79 -9.96 -23.57
CA ARG B 151 -9.86 -9.24 -24.32
C ARG B 151 -10.26 -7.98 -23.59
N GLU B 152 -10.67 -6.94 -24.31
CA GLU B 152 -11.16 -5.69 -23.68
C GLU B 152 -12.64 -5.49 -24.02
N LEU B 153 -13.55 -5.95 -23.15
CA LEU B 153 -15.00 -5.74 -23.36
C LEU B 153 -15.27 -4.24 -23.32
N ALA B 154 -16.02 -3.69 -24.29
CA ALA B 154 -16.15 -2.20 -24.35
C ALA B 154 -17.59 -1.70 -24.55
N GLY B 155 -18.59 -2.57 -24.50
CA GLY B 155 -19.97 -2.13 -24.79
C GLY B 155 -20.58 -1.19 -23.76
N HIS B 156 -20.33 -1.41 -22.45
CA HIS B 156 -20.96 -0.60 -21.38
C HIS B 156 -20.71 0.90 -21.57
N THR B 157 -21.67 1.75 -21.15
CA THR B 157 -21.57 3.22 -21.37
C THR B 157 -21.41 3.95 -20.03
N GLY B 158 -21.10 3.22 -18.96
CA GLY B 158 -20.87 3.85 -17.65
C GLY B 158 -19.72 3.17 -16.93
N TYR B 159 -19.29 3.73 -15.79
CA TYR B 159 -18.15 3.16 -15.02
C TYR B 159 -18.60 1.73 -14.68
N LEU B 160 -17.71 0.75 -14.87
CA LEU B 160 -18.06 -0.64 -14.45
C LEU B 160 -17.81 -0.72 -12.95
N SER B 161 -18.83 -1.12 -12.17
CA SER B 161 -18.71 -1.11 -10.69
C SER B 161 -18.32 -2.50 -10.17
N CYS B 162 -18.76 -3.56 -10.86
CA CYS B 162 -18.44 -4.94 -10.43
C CYS B 162 -18.33 -5.83 -11.68
N CYS B 163 -17.52 -6.88 -11.61
CA CYS B 163 -17.35 -7.84 -12.72
C CYS B 163 -17.05 -9.18 -12.06
N ARG B 164 -17.85 -10.20 -12.35
CA ARG B 164 -17.62 -11.54 -11.77
C ARG B 164 -17.65 -12.58 -12.88
N PHE B 165 -16.70 -13.51 -12.86
CA PHE B 165 -16.58 -14.53 -13.93
C PHE B 165 -17.46 -15.74 -13.68
N LEU B 166 -18.08 -16.26 -14.73
CA LEU B 166 -18.82 -17.53 -14.61
C LEU B 166 -17.93 -18.58 -15.27
N ASP B 167 -17.41 -18.28 -16.47
CA ASP B 167 -16.51 -19.20 -17.22
C ASP B 167 -15.20 -18.49 -17.49
N ASP B 168 -14.31 -19.14 -18.23
CA ASP B 168 -13.11 -18.42 -18.68
C ASP B 168 -13.54 -17.75 -19.98
N ASN B 169 -14.84 -17.87 -20.32
CA ASN B 169 -15.38 -17.32 -21.59
C ASN B 169 -16.64 -16.49 -21.32
N GLN B 170 -17.15 -16.48 -20.08
CA GLN B 170 -18.35 -15.67 -19.75
C GLN B 170 -18.11 -14.85 -18.48
N ILE B 171 -18.52 -13.57 -18.49
CA ILE B 171 -18.33 -12.71 -17.29
C ILE B 171 -19.51 -11.73 -17.22
N VAL B 172 -20.16 -11.64 -16.04
CA VAL B 172 -21.27 -10.65 -15.83
C VAL B 172 -20.67 -9.37 -15.27
N THR B 173 -20.93 -8.24 -15.93
CA THR B 173 -20.37 -6.94 -15.48
C THR B 173 -21.50 -5.95 -15.18
N SER B 174 -21.48 -5.32 -14.01
CA SER B 174 -22.49 -4.29 -13.67
C SER B 174 -21.91 -2.90 -13.95
N SER B 175 -22.73 -1.96 -14.40
CA SER B 175 -22.18 -0.63 -14.79
C SER B 175 -23.09 0.50 -14.31
N GLY B 176 -22.54 1.72 -14.23
CA GLY B 176 -23.35 2.87 -13.80
C GLY B 176 -24.28 3.34 -14.88
N ASP B 177 -24.36 2.61 -16.00
CA ASP B 177 -25.32 2.97 -17.08
C ASP B 177 -26.64 2.32 -16.72
N THR B 178 -26.82 1.94 -15.44
CA THR B 178 -28.09 1.33 -14.93
C THR B 178 -28.28 -0.08 -15.52
N THR B 179 -27.29 -0.63 -16.21
CA THR B 179 -27.49 -1.94 -16.90
C THR B 179 -26.39 -2.93 -16.55
N CYS B 180 -26.70 -4.22 -16.48
CA CYS B 180 -25.67 -5.27 -16.29
C CYS B 180 -25.58 -6.05 -17.61
N ALA B 181 -24.59 -6.92 -17.80
CA ALA B 181 -24.47 -7.63 -19.09
C ALA B 181 -23.66 -8.91 -18.98
N LEU B 182 -24.06 -9.97 -19.69
CA LEU B 182 -23.26 -11.21 -19.73
C LEU B 182 -22.46 -11.17 -21.03
N TRP B 183 -21.15 -11.36 -20.97
CA TRP B 183 -20.33 -11.20 -22.21
C TRP B 183 -19.71 -12.53 -22.61
N ASP B 184 -19.37 -12.67 -23.90
CA ASP B 184 -18.64 -13.89 -24.34
C ASP B 184 -17.20 -13.45 -24.58
N ILE B 185 -16.32 -13.70 -23.63
CA ILE B 185 -14.92 -13.19 -23.71
C ILE B 185 -14.35 -13.47 -25.11
N GLU B 186 -14.57 -14.66 -25.65
CA GLU B 186 -13.98 -15.01 -26.97
C GLU B 186 -14.46 -14.03 -28.04
N THR B 187 -15.77 -13.86 -28.20
CA THR B 187 -16.30 -12.99 -29.28
C THR B 187 -16.13 -11.52 -28.90
N GLY B 188 -16.27 -11.18 -27.62
CA GLY B 188 -16.18 -9.78 -27.18
C GLY B 188 -17.52 -9.08 -27.29
N GLN B 189 -18.60 -9.84 -27.42
CA GLN B 189 -19.95 -9.23 -27.60
C GLN B 189 -20.80 -9.50 -26.35
N GLN B 190 -21.73 -8.58 -26.04
CA GLN B 190 -22.64 -8.81 -24.90
C GLN B 190 -23.64 -9.90 -25.28
N THR B 191 -23.47 -11.10 -24.74
CA THR B 191 -24.44 -12.20 -25.01
C THR B 191 -25.83 -11.76 -24.56
N THR B 192 -25.95 -11.27 -23.32
CA THR B 192 -27.26 -10.85 -22.78
C THR B 192 -27.12 -9.50 -22.09
N THR B 193 -28.10 -8.60 -22.21
CA THR B 193 -28.05 -7.32 -21.43
C THR B 193 -29.15 -7.34 -20.38
N PHE B 194 -28.93 -6.69 -19.24
CA PHE B 194 -29.97 -6.59 -18.17
C PHE B 194 -30.24 -5.10 -17.91
N THR B 195 -31.33 -4.54 -18.43
CA THR B 195 -31.57 -3.07 -18.35
C THR B 195 -32.68 -2.67 -17.37
N GLY B 196 -33.02 -3.51 -16.39
CA GLY B 196 -34.15 -3.22 -15.49
C GLY B 196 -33.89 -2.08 -14.51
N HIS B 197 -32.69 -2.00 -13.92
CA HIS B 197 -32.42 -0.97 -12.87
C HIS B 197 -32.54 0.45 -13.45
N THR B 198 -32.85 1.42 -12.59
CA THR B 198 -32.98 2.84 -13.03
C THR B 198 -31.83 3.69 -12.46
N GLY B 199 -31.09 3.15 -11.48
CA GLY B 199 -29.94 3.88 -10.90
C GLY B 199 -28.64 3.14 -11.15
N ASP B 200 -27.50 3.77 -10.85
CA ASP B 200 -26.19 3.13 -11.15
C ASP B 200 -26.06 1.80 -10.40
N VAL B 201 -26.02 0.67 -11.11
CA VAL B 201 -25.83 -0.65 -10.45
C VAL B 201 -24.46 -0.60 -9.78
N MET B 202 -24.22 -0.80 -8.38
CA MET B 202 -22.91 -0.66 -7.68
C MET B 202 -22.26 -2.01 -7.44
N SER B 203 -23.07 -3.06 -7.30
CA SER B 203 -22.51 -4.39 -6.99
C SER B 203 -23.30 -5.51 -7.64
N LEU B 204 -22.68 -6.68 -7.78
CA LEU B 204 -23.37 -7.87 -8.30
C LEU B 204 -22.81 -9.07 -7.54
N SER B 205 -23.62 -10.11 -7.34
CA SER B 205 -23.17 -11.34 -6.64
C SER B 205 -23.74 -12.56 -7.37
N LEU B 206 -22.87 -13.45 -7.87
CA LEU B 206 -23.34 -14.64 -8.61
C LEU B 206 -23.78 -15.66 -7.57
N ALA B 207 -24.82 -16.33 -7.85
CA ALA B 207 -25.33 -17.36 -6.91
C ALA B 207 -24.32 -18.50 -6.84
N PRO B 208 -24.22 -19.26 -5.72
CA PRO B 208 -23.33 -20.43 -5.67
C PRO B 208 -23.59 -21.35 -6.88
N ASP B 209 -24.86 -21.45 -7.31
CA ASP B 209 -25.20 -22.35 -8.44
C ASP B 209 -24.80 -21.73 -9.77
N THR B 210 -24.39 -20.46 -9.77
CA THR B 210 -23.98 -19.73 -11.01
C THR B 210 -25.09 -19.83 -12.07
N ARG B 211 -26.35 -19.72 -11.67
CA ARG B 211 -27.46 -19.67 -12.66
C ARG B 211 -28.22 -18.36 -12.49
N LEU B 212 -28.17 -17.78 -11.29
CA LEU B 212 -28.87 -16.50 -11.02
C LEU B 212 -27.87 -15.47 -10.48
N PHE B 213 -28.03 -14.19 -10.82
CA PHE B 213 -27.14 -13.16 -10.22
C PHE B 213 -28.01 -12.02 -9.67
N VAL B 214 -27.73 -11.58 -8.43
CA VAL B 214 -28.47 -10.44 -7.82
C VAL B 214 -27.60 -9.17 -7.92
N SER B 215 -28.20 -8.04 -8.25
CA SER B 215 -27.46 -6.77 -8.40
C SER B 215 -28.14 -5.67 -7.57
N GLY B 216 -27.36 -4.89 -6.84
CA GLY B 216 -27.90 -3.78 -6.04
C GLY B 216 -27.54 -2.46 -6.67
N ALA B 217 -28.49 -1.52 -6.78
CA ALA B 217 -28.19 -0.26 -7.50
C ALA B 217 -28.41 0.96 -6.61
N CYS B 218 -28.20 2.16 -7.17
CA CYS B 218 -28.37 3.43 -6.40
C CYS B 218 -29.85 3.79 -6.28
N ASP B 219 -30.72 3.04 -6.97
CA ASP B 219 -32.19 3.30 -6.89
C ASP B 219 -32.74 2.65 -5.62
N ALA B 220 -31.87 2.28 -4.67
CA ALA B 220 -32.29 1.62 -3.41
C ALA B 220 -33.11 0.37 -3.74
N SER B 221 -32.73 -0.33 -4.82
CA SER B 221 -33.47 -1.53 -5.24
C SER B 221 -32.48 -2.66 -5.57
N ALA B 222 -32.89 -3.91 -5.34
CA ALA B 222 -32.02 -5.06 -5.66
C ALA B 222 -32.82 -6.02 -6.53
N LYS B 223 -32.30 -6.35 -7.72
CA LYS B 223 -33.08 -7.19 -8.65
C LYS B 223 -32.38 -8.53 -8.88
N LEU B 224 -33.08 -9.64 -8.70
CA LEU B 224 -32.49 -10.97 -9.00
C LEU B 224 -32.68 -11.24 -10.50
N TRP B 225 -31.61 -11.59 -11.22
CA TRP B 225 -31.72 -11.80 -12.67
C TRP B 225 -31.49 -13.26 -13.03
N ASP B 226 -31.99 -13.68 -14.18
CA ASP B 226 -31.72 -15.05 -14.70
C ASP B 226 -30.63 -14.85 -15.77
N VAL B 227 -29.50 -15.54 -15.67
CA VAL B 227 -28.37 -15.26 -16.62
C VAL B 227 -28.66 -15.84 -18.01
N ARG B 228 -29.52 -16.85 -18.13
CA ARG B 228 -29.72 -17.49 -19.46
C ARG B 228 -31.02 -17.00 -20.11
N GLU B 229 -31.97 -16.51 -19.32
CA GLU B 229 -33.24 -15.96 -19.87
C GLU B 229 -33.08 -14.46 -20.10
N GLY B 230 -32.28 -13.79 -19.27
CA GLY B 230 -32.03 -12.36 -19.44
C GLY B 230 -33.08 -11.50 -18.78
N MET B 231 -33.93 -12.09 -17.91
CA MET B 231 -35.04 -11.27 -17.37
C MET B 231 -34.88 -11.07 -15.86
N CYS B 232 -35.48 -10.00 -15.32
CA CYS B 232 -35.43 -9.74 -13.86
C CYS B 232 -36.49 -10.58 -13.17
N ARG B 233 -36.09 -11.67 -12.50
CA ARG B 233 -37.09 -12.57 -11.89
C ARG B 233 -37.83 -11.85 -10.77
N GLN B 234 -37.09 -11.30 -9.79
CA GLN B 234 -37.76 -10.65 -8.63
C GLN B 234 -37.10 -9.29 -8.35
N THR B 235 -37.83 -8.39 -7.70
CA THR B 235 -37.25 -7.07 -7.32
C THR B 235 -37.46 -6.87 -5.82
N PHE B 236 -36.38 -6.59 -5.10
CA PHE B 236 -36.43 -6.45 -3.62
C PHE B 236 -36.11 -5.00 -3.25
N THR B 237 -36.93 -4.40 -2.39
CA THR B 237 -36.70 -3.00 -1.94
C THR B 237 -36.75 -2.96 -0.41
N GLY B 238 -36.31 -1.84 0.19
CA GLY B 238 -36.29 -1.72 1.66
C GLY B 238 -35.21 -0.76 2.12
N HIS B 239 -34.11 -0.67 1.36
CA HIS B 239 -33.02 0.30 1.69
C HIS B 239 -33.51 1.73 1.41
N GLU B 240 -33.02 2.69 2.19
CA GLU B 240 -33.46 4.10 2.02
C GLU B 240 -32.45 4.85 1.16
N SER B 241 -31.39 4.17 0.73
CA SER B 241 -30.34 4.83 -0.08
C SER B 241 -29.62 3.84 -1.01
N ASP B 242 -28.59 4.30 -1.72
CA ASP B 242 -27.82 3.49 -2.70
C ASP B 242 -27.36 2.18 -2.08
N ILE B 243 -27.67 1.04 -2.69
CA ILE B 243 -27.14 -0.26 -2.21
C ILE B 243 -25.70 -0.36 -2.71
N ASN B 244 -24.74 -0.07 -1.85
CA ASN B 244 -23.31 -0.06 -2.22
C ASN B 244 -22.75 -1.47 -2.39
N ALA B 245 -23.26 -2.44 -1.63
CA ALA B 245 -22.71 -3.81 -1.64
C ALA B 245 -23.82 -4.87 -1.68
N ILE B 246 -23.54 -6.03 -2.25
CA ILE B 246 -24.51 -7.16 -2.30
C ILE B 246 -23.72 -8.45 -2.15
N CYS B 247 -24.29 -9.46 -1.47
CA CYS B 247 -23.60 -10.77 -1.29
C CYS B 247 -24.66 -11.88 -1.22
N PHE B 248 -24.30 -13.10 -1.60
CA PHE B 248 -25.28 -14.22 -1.59
C PHE B 248 -25.02 -15.13 -0.39
N PHE B 249 -26.08 -15.55 0.29
CA PHE B 249 -25.96 -16.54 1.40
C PHE B 249 -25.47 -17.86 0.81
N PRO B 250 -24.53 -18.58 1.46
CA PRO B 250 -23.98 -19.82 0.91
C PRO B 250 -24.99 -20.80 0.29
N ASN B 251 -26.26 -20.76 0.71
CA ASN B 251 -27.27 -21.73 0.18
C ASN B 251 -27.80 -21.26 -1.18
N GLY B 252 -27.62 -19.98 -1.52
CA GLY B 252 -28.12 -19.44 -2.80
C GLY B 252 -29.62 -19.16 -2.74
N ASN B 253 -30.18 -19.05 -1.54
CA ASN B 253 -31.64 -18.82 -1.36
C ASN B 253 -31.86 -17.50 -0.62
N ALA B 254 -30.77 -16.82 -0.24
CA ALA B 254 -30.91 -15.50 0.42
C ALA B 254 -29.75 -14.60 -0.02
N PHE B 255 -29.98 -13.29 -0.05
CA PHE B 255 -28.88 -12.34 -0.35
C PHE B 255 -28.92 -11.19 0.65
N ALA B 256 -27.75 -10.76 1.11
CA ALA B 256 -27.68 -9.62 2.05
C ALA B 256 -27.17 -8.40 1.31
N THR B 257 -27.59 -7.21 1.72
CA THR B 257 -27.21 -5.97 1.00
C THR B 257 -26.62 -4.96 1.96
N GLY B 258 -25.86 -4.00 1.45
CA GLY B 258 -25.29 -2.94 2.30
C GLY B 258 -25.52 -1.59 1.65
N SER B 259 -26.03 -0.61 2.38
CA SER B 259 -26.39 0.68 1.74
C SER B 259 -25.77 1.87 2.48
N ASP B 260 -25.84 3.05 1.88
CA ASP B 260 -25.39 4.28 2.57
C ASP B 260 -26.30 4.57 3.76
N ASP B 261 -27.47 3.90 3.85
CA ASP B 261 -28.43 4.09 4.95
C ASP B 261 -27.83 3.51 6.23
N ALA B 262 -26.58 3.06 6.18
CA ALA B 262 -25.91 2.47 7.35
C ALA B 262 -26.71 1.28 7.87
N THR B 263 -27.42 0.59 6.97
CA THR B 263 -28.19 -0.62 7.36
C THR B 263 -27.84 -1.78 6.45
N CYS B 264 -27.81 -3.01 6.98
CA CYS B 264 -27.61 -4.22 6.13
C CYS B 264 -28.91 -5.01 6.18
N ARG B 265 -29.39 -5.51 5.03
CA ARG B 265 -30.72 -6.19 5.03
C ARG B 265 -30.62 -7.56 4.35
N LEU B 266 -31.09 -8.62 5.02
CA LEU B 266 -31.05 -9.98 4.43
C LEU B 266 -32.41 -10.25 3.79
N PHE B 267 -32.47 -10.31 2.46
CA PHE B 267 -33.72 -10.63 1.76
C PHE B 267 -33.71 -12.10 1.36
N ASP B 268 -34.83 -12.81 1.52
CA ASP B 268 -34.90 -14.23 1.07
C ASP B 268 -35.47 -14.27 -0.35
N LEU B 269 -34.86 -15.07 -1.23
CA LEU B 269 -35.30 -15.12 -2.64
C LEU B 269 -36.71 -15.70 -2.72
N ARG B 270 -36.92 -16.90 -2.16
CA ARG B 270 -38.24 -17.56 -2.29
C ARG B 270 -39.34 -16.73 -1.63
N ALA B 271 -39.11 -16.27 -0.40
CA ALA B 271 -40.15 -15.49 0.33
C ALA B 271 -40.36 -14.14 -0.33
N ASP B 272 -39.37 -13.65 -1.08
CA ASP B 272 -39.47 -12.34 -1.79
C ASP B 272 -39.60 -11.21 -0.75
N GLN B 273 -39.17 -11.46 0.49
CA GLN B 273 -39.38 -10.43 1.55
C GLN B 273 -38.15 -10.33 2.44
N GLU B 274 -37.80 -9.11 2.86
CA GLU B 274 -36.65 -8.91 3.79
C GLU B 274 -36.91 -9.70 5.07
N LEU B 275 -35.88 -10.38 5.58
CA LEU B 275 -36.05 -11.20 6.81
C LEU B 275 -35.53 -10.43 8.01
N MET B 276 -34.31 -9.90 7.94
CA MET B 276 -33.72 -9.22 9.13
C MET B 276 -32.94 -7.98 8.69
N THR B 277 -32.90 -6.95 9.54
CA THR B 277 -32.09 -5.75 9.24
C THR B 277 -30.97 -5.65 10.29
N TYR B 278 -29.76 -5.32 9.85
CA TYR B 278 -28.60 -5.25 10.78
C TYR B 278 -28.20 -3.79 10.94
N SER B 279 -28.71 -3.14 11.97
CA SER B 279 -28.41 -1.70 12.19
C SER B 279 -28.15 -1.50 13.67
N HIS B 280 -27.22 -0.60 14.01
CA HIS B 280 -26.91 -0.26 15.42
C HIS B 280 -26.97 1.27 15.54
N ASP B 281 -27.51 1.80 16.63
CA ASP B 281 -27.66 3.28 16.74
C ASP B 281 -26.34 4.03 16.54
N ASN B 282 -25.25 3.46 17.04
CA ASN B 282 -23.93 4.12 16.94
C ASN B 282 -23.53 4.23 15.47
N ILE B 283 -23.83 3.20 14.67
CA ILE B 283 -23.40 3.19 13.24
C ILE B 283 -24.18 4.25 12.47
N ILE B 284 -23.48 5.19 11.83
CA ILE B 284 -24.15 6.24 11.01
C ILE B 284 -23.40 6.35 9.68
N CYS B 285 -22.47 5.42 9.42
CA CYS B 285 -21.67 5.43 8.17
C CYS B 285 -22.14 4.30 7.26
N GLY B 286 -22.09 4.50 5.94
CA GLY B 286 -22.62 3.48 5.01
C GLY B 286 -21.76 2.22 4.98
N ILE B 287 -22.30 1.12 4.45
CA ILE B 287 -21.50 -0.12 4.28
C ILE B 287 -20.85 -0.07 2.91
N THR B 288 -19.53 -0.25 2.83
CA THR B 288 -18.83 -0.25 1.52
C THR B 288 -18.82 -1.66 0.93
N SER B 289 -18.73 -2.68 1.78
CA SER B 289 -18.61 -4.07 1.30
C SER B 289 -19.27 -5.02 2.28
N VAL B 290 -19.87 -6.10 1.79
CA VAL B 290 -20.53 -7.09 2.69
C VAL B 290 -20.11 -8.50 2.26
N SER B 291 -20.09 -9.45 3.21
CA SER B 291 -19.73 -10.85 2.89
C SER B 291 -20.20 -11.78 4.01
N PHE B 292 -20.41 -13.06 3.70
CA PHE B 292 -20.89 -14.03 4.71
C PHE B 292 -19.76 -15.00 5.07
N SER B 293 -20.00 -15.86 6.05
CA SER B 293 -19.00 -16.92 6.37
C SER B 293 -19.35 -18.19 5.60
N LYS B 294 -18.48 -19.20 5.63
CA LYS B 294 -18.73 -20.46 4.88
C LYS B 294 -20.07 -21.04 5.32
N SER B 295 -20.43 -20.88 6.60
CA SER B 295 -21.72 -21.40 7.13
C SER B 295 -22.81 -20.35 6.98
N GLY B 296 -22.42 -19.08 6.85
CA GLY B 296 -23.41 -18.00 6.69
C GLY B 296 -23.89 -17.46 8.03
N ARG B 297 -23.41 -18.05 9.13
CA ARG B 297 -23.83 -17.61 10.48
C ARG B 297 -23.32 -16.19 10.72
N LEU B 298 -22.18 -15.83 10.15
CA LEU B 298 -21.60 -14.49 10.42
C LEU B 298 -21.72 -13.64 9.16
N LEU B 299 -22.10 -12.36 9.32
CA LEU B 299 -22.18 -11.44 8.17
C LEU B 299 -21.15 -10.34 8.40
N LEU B 300 -19.98 -10.46 7.77
CA LEU B 300 -18.91 -9.46 7.97
C LEU B 300 -19.13 -8.32 6.97
N ALA B 301 -19.41 -7.13 7.48
CA ALA B 301 -19.66 -5.96 6.60
C ALA B 301 -18.63 -4.88 6.89
N GLY B 302 -18.15 -4.20 5.87
CA GLY B 302 -17.14 -3.15 6.05
C GLY B 302 -17.78 -1.80 6.01
N TYR B 303 -17.71 -1.05 7.13
CA TYR B 303 -18.37 0.28 7.20
C TYR B 303 -17.40 1.40 6.84
N ASP B 304 -17.88 2.64 6.80
CA ASP B 304 -17.01 3.81 6.46
C ASP B 304 -16.37 4.37 7.73
N ASP B 305 -16.58 3.72 8.88
CA ASP B 305 -15.98 4.18 10.17
C ASP B 305 -14.55 3.66 10.29
N PHE B 306 -13.93 3.30 9.16
CA PHE B 306 -12.51 2.82 9.14
C PHE B 306 -12.43 1.45 9.83
N ASN B 307 -13.54 0.72 9.92
CA ASN B 307 -13.52 -0.63 10.53
C ASN B 307 -14.62 -1.51 9.92
N CYS B 308 -14.64 -2.80 10.28
CA CYS B 308 -15.64 -3.76 9.75
C CYS B 308 -16.34 -4.43 10.93
N ASN B 309 -17.65 -4.63 10.84
CA ASN B 309 -18.39 -5.19 12.00
C ASN B 309 -18.86 -6.60 11.67
N VAL B 310 -18.65 -7.55 12.57
CA VAL B 310 -19.11 -8.95 12.37
C VAL B 310 -20.49 -9.09 13.01
N TRP B 311 -21.53 -9.30 12.20
CA TRP B 311 -22.91 -9.39 12.72
C TRP B 311 -23.39 -10.84 12.67
N ASP B 312 -23.93 -11.36 13.78
CA ASP B 312 -24.53 -12.71 13.73
C ASP B 312 -25.77 -12.59 12.85
N ALA B 313 -25.76 -13.20 11.68
CA ALA B 313 -26.89 -13.02 10.73
C ALA B 313 -28.20 -13.46 11.37
N LEU B 314 -28.24 -14.66 11.94
CA LEU B 314 -29.51 -15.18 12.48
C LEU B 314 -30.02 -14.33 13.64
N LYS B 315 -29.12 -13.84 14.51
CA LYS B 315 -29.57 -13.12 15.73
C LYS B 315 -29.49 -11.60 15.55
N ALA B 316 -28.95 -11.11 14.43
CA ALA B 316 -28.85 -9.65 14.15
C ALA B 316 -28.15 -8.92 15.29
N ASP B 317 -27.13 -9.54 15.90
CA ASP B 317 -26.36 -8.89 16.99
C ASP B 317 -24.90 -8.74 16.55
N ARG B 318 -24.30 -7.58 16.81
CA ARG B 318 -22.88 -7.36 16.45
C ARG B 318 -22.01 -8.24 17.35
N ALA B 319 -21.52 -9.36 16.81
CA ALA B 319 -20.69 -10.30 17.59
C ALA B 319 -19.30 -9.69 17.84
N GLY B 320 -18.69 -9.09 16.81
CA GLY B 320 -17.32 -8.55 16.96
C GLY B 320 -17.03 -7.42 15.99
N VAL B 321 -15.82 -6.85 16.06
CA VAL B 321 -15.41 -5.73 15.15
C VAL B 321 -13.98 -5.96 14.66
N LEU B 322 -13.74 -5.91 13.35
CA LEU B 322 -12.37 -6.04 12.81
C LEU B 322 -11.80 -4.63 12.61
N ALA B 323 -11.33 -3.94 13.62
CA ALA B 323 -10.82 -2.55 13.60
C ALA B 323 -9.30 -2.54 13.50
N GLY B 324 -8.77 -2.51 12.27
CA GLY B 324 -7.32 -2.37 12.06
C GLY B 324 -6.98 -1.48 10.88
N HIS B 325 -7.88 -0.62 10.41
CA HIS B 325 -7.68 0.17 9.17
C HIS B 325 -7.58 1.65 9.46
N ASP B 326 -6.86 2.33 8.54
CA ASP B 326 -6.80 3.80 8.82
C ASP B 326 -7.61 4.58 7.79
N ASN B 327 -8.47 3.89 7.02
CA ASN B 327 -9.33 4.60 6.03
C ASN B 327 -10.56 3.76 5.70
N ARG B 328 -11.43 4.26 4.82
CA ARG B 328 -12.67 3.53 4.44
C ARG B 328 -12.31 2.12 3.98
N VAL B 329 -12.90 1.10 4.61
CA VAL B 329 -12.65 -0.31 4.17
C VAL B 329 -13.41 -0.51 2.86
N SER B 330 -12.74 -0.32 1.71
CA SER B 330 -13.42 -0.41 0.40
C SER B 330 -13.91 -1.83 0.10
N CYS B 331 -13.09 -2.85 0.39
CA CYS B 331 -13.48 -4.22 -0.02
C CYS B 331 -13.31 -5.22 1.13
N LEU B 332 -14.10 -6.30 1.11
CA LEU B 332 -14.02 -7.37 2.13
C LEU B 332 -14.33 -8.69 1.44
N GLY B 333 -13.50 -9.70 1.63
CA GLY B 333 -13.72 -11.01 1.00
C GLY B 333 -13.42 -12.16 1.94
N VAL B 334 -14.28 -13.16 1.99
CA VAL B 334 -14.02 -14.36 2.82
C VAL B 334 -13.53 -15.48 1.90
N THR B 335 -12.47 -16.18 2.30
CA THR B 335 -11.90 -17.28 1.48
C THR B 335 -12.98 -18.33 1.18
N ASP B 336 -12.82 -19.07 0.10
CA ASP B 336 -13.79 -20.13 -0.27
C ASP B 336 -13.80 -21.20 0.82
N ASP B 337 -12.64 -21.52 1.37
CA ASP B 337 -12.54 -22.54 2.47
C ASP B 337 -13.05 -21.93 3.77
N GLY B 338 -13.29 -20.61 3.78
CA GLY B 338 -13.84 -19.95 4.98
C GLY B 338 -12.81 -19.81 6.07
N MET B 339 -11.54 -20.03 5.75
CA MET B 339 -10.49 -20.01 6.80
C MET B 339 -10.17 -18.55 7.17
N ALA B 340 -10.18 -17.65 6.20
CA ALA B 340 -9.75 -16.26 6.53
C ALA B 340 -10.63 -15.20 5.87
N VAL B 341 -10.52 -13.96 6.35
CA VAL B 341 -11.29 -12.82 5.78
C VAL B 341 -10.27 -11.75 5.40
N ALA B 342 -10.18 -11.38 4.13
CA ALA B 342 -9.28 -10.29 3.72
C ALA B 342 -10.06 -8.98 3.65
N THR B 343 -9.40 -7.88 4.00
CA THR B 343 -10.06 -6.55 4.03
C THR B 343 -9.12 -5.53 3.41
N GLY B 344 -9.54 -4.89 2.32
CA GLY B 344 -8.72 -3.85 1.68
C GLY B 344 -9.26 -2.46 2.00
N SER B 345 -8.38 -1.48 2.17
CA SER B 345 -8.84 -0.14 2.60
C SER B 345 -8.22 0.95 1.74
N TRP B 346 -8.69 2.17 1.89
CA TRP B 346 -8.09 3.30 1.14
C TRP B 346 -6.72 3.63 1.76
N ASP B 347 -6.34 2.89 2.81
CA ASP B 347 -5.03 3.10 3.48
C ASP B 347 -3.92 2.41 2.69
N SER B 348 -4.22 1.91 1.49
CA SER B 348 -3.21 1.25 0.61
C SER B 348 -2.74 -0.09 1.19
N PHE B 349 -3.41 -0.60 2.23
CA PHE B 349 -2.99 -1.87 2.87
C PHE B 349 -4.13 -2.88 2.85
N LEU B 350 -3.78 -4.17 2.83
CA LEU B 350 -4.82 -5.23 2.86
C LEU B 350 -4.46 -6.18 4.00
N LYS B 351 -5.41 -6.48 4.89
CA LYS B 351 -5.09 -7.33 6.06
C LYS B 351 -5.87 -8.64 6.01
N ILE B 352 -5.18 -9.78 6.14
CA ILE B 352 -5.89 -11.09 6.18
C ILE B 352 -6.25 -11.38 7.63
N TRP B 353 -7.43 -10.97 8.07
CA TRP B 353 -7.88 -11.30 9.45
C TRP B 353 -8.21 -12.79 9.50
N ASN B 354 -8.04 -13.41 10.67
CA ASN B 354 -8.34 -14.86 10.82
C ASN B 354 -8.61 -15.13 12.30
N ALA C 12 -43.02 1.66 -19.31
CA ALA C 12 -44.45 1.97 -19.49
C ALA C 12 -45.25 0.66 -19.53
N ARG C 13 -45.69 0.26 -20.72
CA ARG C 13 -46.38 -1.05 -20.83
C ARG C 13 -45.40 -2.13 -20.38
N LYS C 14 -44.12 -1.92 -20.68
CA LYS C 14 -43.06 -2.90 -20.28
C LYS C 14 -43.01 -3.00 -18.76
N LEU C 15 -43.08 -1.85 -18.07
CA LEU C 15 -43.06 -1.85 -16.59
C LEU C 15 -44.26 -2.65 -16.10
N VAL C 16 -45.43 -2.43 -16.70
CA VAL C 16 -46.66 -3.16 -16.30
C VAL C 16 -46.41 -4.67 -16.48
N GLU C 17 -45.85 -5.06 -17.62
CA GLU C 17 -45.61 -6.50 -17.89
C GLU C 17 -44.64 -7.06 -16.85
N GLN C 18 -43.56 -6.33 -16.57
CA GLN C 18 -42.56 -6.78 -15.58
C GLN C 18 -43.25 -6.95 -14.23
N LEU C 19 -44.08 -5.98 -13.85
CA LEU C 19 -44.79 -6.05 -12.55
C LEU C 19 -45.68 -7.29 -12.55
N LYS C 20 -46.36 -7.55 -13.67
CA LYS C 20 -47.26 -8.72 -13.76
C LYS C 20 -46.44 -9.99 -13.51
N MET C 21 -45.29 -10.12 -14.18
CA MET C 21 -44.46 -11.34 -14.03
C MET C 21 -44.05 -11.47 -12.56
N GLU C 22 -43.57 -10.39 -11.95
CA GLU C 22 -43.09 -10.45 -10.54
C GLU C 22 -44.26 -10.80 -9.63
N ALA C 23 -45.47 -10.34 -9.97
CA ALA C 23 -46.66 -10.68 -9.16
C ALA C 23 -46.95 -12.18 -9.27
N ASN C 24 -46.74 -12.77 -10.44
CA ASN C 24 -47.09 -14.20 -10.67
C ASN C 24 -46.20 -15.13 -9.82
N ILE C 25 -45.02 -14.68 -9.40
CA ILE C 25 -44.09 -15.61 -8.68
C ILE C 25 -44.77 -16.16 -7.42
N ASP C 26 -44.44 -17.41 -7.06
CA ASP C 26 -45.02 -18.03 -5.84
C ASP C 26 -44.07 -17.76 -4.67
N ARG C 27 -44.62 -17.47 -3.48
CA ARG C 27 -43.75 -17.08 -2.34
C ARG C 27 -43.93 -18.07 -1.18
N ILE C 28 -42.82 -18.53 -0.60
CA ILE C 28 -42.90 -19.43 0.58
C ILE C 28 -43.12 -18.55 1.82
N LYS C 29 -43.67 -19.13 2.88
CA LYS C 29 -43.88 -18.36 4.14
C LYS C 29 -42.52 -18.00 4.73
N VAL C 30 -42.43 -16.82 5.36
CA VAL C 30 -41.13 -16.36 5.94
C VAL C 30 -40.66 -17.41 6.95
N SER C 31 -41.59 -17.93 7.75
CA SER C 31 -41.23 -18.95 8.78
C SER C 31 -40.40 -20.03 8.10
N LYS C 32 -40.93 -20.65 7.04
CA LYS C 32 -40.23 -21.78 6.38
C LYS C 32 -38.85 -21.30 5.88
N ALA C 33 -38.79 -20.17 5.19
CA ALA C 33 -37.50 -19.69 4.64
C ALA C 33 -36.48 -19.51 5.76
N ALA C 34 -36.88 -18.80 6.80
CA ALA C 34 -35.97 -18.55 7.94
C ALA C 34 -35.54 -19.87 8.55
N ALA C 35 -36.49 -20.80 8.68
CA ALA C 35 -36.16 -22.12 9.27
C ALA C 35 -35.03 -22.76 8.47
N ASP C 36 -35.13 -22.75 7.14
CA ASP C 36 -34.10 -23.47 6.34
C ASP C 36 -32.77 -22.71 6.36
N LEU C 37 -32.76 -21.38 6.47
CA LEU C 37 -31.46 -20.68 6.61
C LEU C 37 -30.81 -21.13 7.93
N MET C 38 -31.59 -21.09 8.99
CA MET C 38 -31.09 -21.54 10.32
C MET C 38 -30.52 -22.94 10.17
N ALA C 39 -31.23 -23.82 9.46
CA ALA C 39 -30.79 -25.23 9.32
C ALA C 39 -29.40 -25.28 8.68
N TYR C 40 -29.23 -24.59 7.55
CA TYR C 40 -27.93 -24.58 6.83
C TYR C 40 -26.82 -24.20 7.81
N CYS C 41 -27.01 -23.10 8.55
CA CYS C 41 -25.94 -22.62 9.46
C CYS C 41 -25.60 -23.73 10.47
N GLU C 42 -26.62 -24.33 11.08
CA GLU C 42 -26.36 -25.36 12.12
C GLU C 42 -25.62 -26.55 11.49
N ALA C 43 -26.02 -26.94 10.27
CA ALA C 43 -25.39 -28.12 9.62
C ALA C 43 -23.93 -27.84 9.27
N HIS C 44 -23.64 -26.68 8.70
CA HIS C 44 -22.25 -26.39 8.26
C HIS C 44 -21.52 -25.61 9.35
N ALA C 45 -21.98 -25.70 10.60
CA ALA C 45 -21.37 -24.92 11.71
C ALA C 45 -19.94 -25.36 11.95
N LYS C 46 -19.71 -26.67 12.10
CA LYS C 46 -18.36 -27.20 12.41
C LYS C 46 -17.40 -26.89 11.25
N GLU C 47 -17.94 -26.72 10.04
CA GLU C 47 -17.09 -26.50 8.84
C GLU C 47 -16.73 -25.02 8.68
N ASP C 48 -17.10 -24.18 9.65
CA ASP C 48 -16.82 -22.72 9.56
C ASP C 48 -15.68 -22.36 10.51
N PRO C 49 -14.44 -22.18 10.01
CA PRO C 49 -13.28 -21.85 10.86
C PRO C 49 -13.43 -20.50 11.59
N LEU C 50 -14.07 -19.52 10.96
CA LEU C 50 -14.28 -18.19 11.60
C LEU C 50 -15.22 -18.35 12.80
N LEU C 51 -16.33 -19.08 12.62
CA LEU C 51 -17.31 -19.29 13.72
C LEU C 51 -16.67 -20.15 14.81
N THR C 52 -16.09 -21.29 14.43
CA THR C 52 -15.46 -22.21 15.42
C THR C 52 -13.93 -22.08 15.32
N PRO C 53 -13.26 -21.39 16.28
CA PRO C 53 -11.81 -21.15 16.20
C PRO C 53 -11.03 -22.40 15.75
N VAL C 54 -10.38 -22.31 14.59
CA VAL C 54 -9.62 -23.48 14.04
C VAL C 54 -8.31 -23.62 14.81
N PRO C 55 -7.91 -24.84 15.25
CA PRO C 55 -6.61 -25.02 15.91
C PRO C 55 -5.49 -24.36 15.09
N ALA C 56 -4.60 -23.63 15.76
CA ALA C 56 -3.52 -22.91 15.04
C ALA C 56 -2.78 -23.86 14.11
N SER C 57 -2.51 -25.09 14.56
CA SER C 57 -1.80 -26.09 13.73
C SER C 57 -2.41 -26.14 12.34
N GLU C 58 -3.74 -26.19 12.25
CA GLU C 58 -4.44 -26.29 10.94
C GLU C 58 -4.42 -24.91 10.26
N ASN C 59 -4.70 -23.84 11.01
CA ASN C 59 -4.74 -22.48 10.44
C ASN C 59 -3.50 -22.27 9.56
N PRO C 60 -3.65 -22.13 8.23
CA PRO C 60 -2.52 -21.89 7.35
C PRO C 60 -1.92 -20.50 7.58
N PHE C 61 -2.65 -19.63 8.28
CA PHE C 61 -2.15 -18.26 8.57
C PHE C 61 -1.65 -18.22 10.01
N ARG C 62 -1.28 -19.37 10.57
CA ARG C 62 -0.84 -19.45 11.99
C ARG C 62 0.36 -18.52 12.23
N CYS D 3 16.92 -20.98 6.12
CA CYS D 3 15.77 -20.10 6.46
C CYS D 3 14.47 -20.91 6.39
N THR D 4 14.57 -22.24 6.44
CA THR D 4 13.37 -23.14 6.35
C THR D 4 12.56 -22.81 5.10
N LEU D 5 13.21 -22.28 4.06
CA LEU D 5 12.52 -22.00 2.77
C LEU D 5 13.12 -22.94 1.74
N SER D 6 12.28 -23.63 0.96
CA SER D 6 12.82 -24.49 -0.13
C SER D 6 13.49 -23.61 -1.18
N ALA D 7 14.21 -24.24 -2.12
CA ALA D 7 14.92 -23.49 -3.18
C ALA D 7 13.92 -22.73 -4.05
N GLU D 8 12.73 -23.31 -4.26
CA GLU D 8 11.69 -22.64 -5.08
C GLU D 8 11.06 -21.52 -4.26
N ASP D 9 10.89 -21.72 -2.95
CA ASP D 9 10.35 -20.65 -2.08
C ASP D 9 11.29 -19.45 -2.13
N LYS D 10 12.60 -19.69 -2.05
CA LYS D 10 13.56 -18.57 -2.03
C LYS D 10 13.45 -17.80 -3.34
N ALA D 11 13.30 -18.51 -4.44
CA ALA D 11 13.24 -17.84 -5.76
C ALA D 11 11.94 -17.04 -5.87
N ALA D 12 10.87 -17.55 -5.26
CA ALA D 12 9.58 -16.81 -5.25
C ALA D 12 9.75 -15.53 -4.44
N VAL D 13 10.44 -15.62 -3.30
CA VAL D 13 10.70 -14.42 -2.47
C VAL D 13 11.49 -13.43 -3.31
N GLU D 14 12.44 -13.94 -4.11
CA GLU D 14 13.29 -13.05 -4.95
C GLU D 14 12.39 -12.37 -6.00
N ARG D 15 11.48 -13.11 -6.61
CA ARG D 15 10.55 -12.52 -7.60
C ARG D 15 9.77 -11.40 -6.91
N SER D 16 9.26 -11.70 -5.72
CA SER D 16 8.47 -10.69 -4.97
C SER D 16 9.34 -9.45 -4.73
N LYS D 17 10.63 -9.64 -4.45
CA LYS D 17 11.50 -8.48 -4.13
C LYS D 17 11.67 -7.61 -5.37
N MET D 18 11.84 -8.22 -6.54
CA MET D 18 12.00 -7.45 -7.79
C MET D 18 10.70 -6.71 -8.09
N ILE D 19 9.57 -7.38 -7.88
CA ILE D 19 8.26 -6.73 -8.08
C ILE D 19 8.23 -5.52 -7.16
N GLU D 20 8.63 -5.70 -5.90
CA GLU D 20 8.64 -4.58 -4.93
C GLU D 20 9.53 -3.45 -5.45
N LYS D 21 10.61 -3.75 -6.17
CA LYS D 21 11.53 -2.66 -6.61
C LYS D 21 10.84 -1.80 -7.68
N GLN D 22 10.29 -2.46 -8.69
CA GLN D 22 9.60 -1.71 -9.76
C GLN D 22 8.49 -0.90 -9.10
N LEU D 23 7.79 -1.50 -8.13
CA LEU D 23 6.72 -0.77 -7.40
C LEU D 23 7.29 0.49 -6.74
N GLN D 24 8.53 0.43 -6.24
CA GLN D 24 9.09 1.61 -5.53
C GLN D 24 9.35 2.75 -6.53
N LYS D 25 9.94 2.42 -7.68
CA LYS D 25 10.17 3.45 -8.73
C LYS D 25 8.80 4.02 -9.11
N ASP D 26 7.81 3.14 -9.26
CA ASP D 26 6.44 3.61 -9.59
C ASP D 26 5.97 4.56 -8.48
N LYS D 27 6.23 4.23 -7.22
CA LYS D 27 5.78 5.06 -6.07
C LYS D 27 6.37 6.46 -6.21
N GLN D 28 7.65 6.57 -6.55
CA GLN D 28 8.31 7.89 -6.68
C GLN D 28 7.59 8.72 -7.74
N VAL D 29 7.30 8.12 -8.90
CA VAL D 29 6.58 8.84 -10.00
C VAL D 29 5.21 9.27 -9.47
N TYR D 30 4.51 8.37 -8.78
CA TYR D 30 3.15 8.67 -8.25
C TYR D 30 3.22 9.88 -7.32
N ARG D 31 4.17 9.89 -6.39
CA ARG D 31 4.27 11.02 -5.41
C ARG D 31 4.57 12.32 -6.15
N ALA D 32 5.51 12.28 -7.11
CA ALA D 32 5.91 13.51 -7.83
C ALA D 32 4.72 14.08 -8.62
N THR D 33 3.97 13.21 -9.30
CA THR D 33 2.81 13.64 -10.11
C THR D 33 1.72 14.17 -9.18
N HIS D 34 1.24 15.40 -9.43
CA HIS D 34 0.10 15.91 -8.63
C HIS D 34 -1.19 15.73 -9.43
N ARG D 35 -2.13 14.96 -8.90
CA ARG D 35 -3.37 14.66 -9.66
C ARG D 35 -4.37 15.81 -9.52
N LEU D 36 -4.99 16.22 -10.63
CA LEU D 36 -6.01 17.30 -10.60
C LEU D 36 -7.26 16.76 -11.31
N LEU D 37 -8.44 17.24 -10.92
CA LEU D 37 -9.72 16.78 -11.52
C LEU D 37 -10.37 17.94 -12.25
N LEU D 38 -10.46 17.86 -13.58
CA LEU D 38 -11.01 18.97 -14.39
C LEU D 38 -12.51 18.79 -14.49
N LEU D 39 -13.27 19.34 -13.54
CA LEU D 39 -14.75 19.30 -13.66
C LEU D 39 -15.16 20.51 -14.49
N GLY D 40 -16.44 20.84 -14.48
CA GLY D 40 -16.89 21.92 -15.38
C GLY D 40 -17.89 21.38 -16.39
N ALA D 41 -18.73 22.25 -16.93
CA ALA D 41 -19.81 21.82 -17.84
C ALA D 41 -19.35 21.88 -19.30
N ASP D 42 -20.29 21.80 -20.24
CA ASP D 42 -19.95 21.92 -21.67
C ASP D 42 -19.83 23.41 -22.03
N ASN D 43 -19.22 23.72 -23.19
CA ASN D 43 -19.05 25.12 -23.64
C ASN D 43 -18.19 25.89 -22.64
N SER D 44 -17.76 25.23 -21.57
CA SER D 44 -16.85 25.89 -20.61
C SER D 44 -15.45 25.92 -21.20
N GLY D 45 -15.23 25.20 -22.30
CA GLY D 45 -13.88 25.12 -22.90
C GLY D 45 -12.92 24.47 -21.92
N LYS D 46 -13.41 23.51 -21.13
CA LYS D 46 -12.55 22.86 -20.10
C LYS D 46 -11.32 22.25 -20.79
N SER D 47 -11.48 21.76 -22.01
CA SER D 47 -10.35 21.10 -22.73
C SER D 47 -9.25 22.10 -23.06
N THR D 48 -9.60 23.35 -23.38
CA THR D 48 -8.58 24.32 -23.87
C THR D 48 -7.97 25.16 -22.73
N ILE D 49 -8.14 24.79 -21.47
CA ILE D 49 -7.61 25.67 -20.39
C ILE D 49 -6.08 25.70 -20.48
N VAL D 50 -5.44 24.55 -20.73
CA VAL D 50 -3.95 24.49 -20.82
C VAL D 50 -3.54 24.20 -22.27
N ILE D 69 -9.84 12.84 -24.10
CA ILE D 69 -9.77 14.00 -23.17
C ILE D 69 -9.81 13.47 -21.73
N PHE D 70 -10.05 12.17 -21.57
CA PHE D 70 -10.15 11.58 -20.21
C PHE D 70 -8.95 12.01 -19.37
N GLU D 71 -7.75 12.09 -19.97
CA GLU D 71 -6.52 12.43 -19.20
C GLU D 71 -5.67 13.44 -19.97
N THR D 72 -4.90 14.27 -19.25
CA THR D 72 -3.99 15.27 -19.88
C THR D 72 -2.83 15.53 -18.92
N LYS D 73 -1.60 15.58 -19.44
CA LYS D 73 -0.42 15.74 -18.55
C LYS D 73 0.32 17.02 -18.94
N PHE D 74 0.81 17.75 -17.94
CA PHE D 74 1.61 18.98 -18.20
C PHE D 74 2.61 19.16 -17.07
N GLN D 75 3.70 19.89 -17.32
CA GLN D 75 4.77 20.03 -16.30
C GLN D 75 5.14 21.50 -16.15
N VAL D 76 5.10 22.01 -14.92
CA VAL D 76 5.50 23.42 -14.65
C VAL D 76 6.62 23.41 -13.60
N ASP D 77 7.74 24.07 -13.90
CA ASP D 77 8.89 24.13 -12.94
C ASP D 77 9.26 22.72 -12.50
N LYS D 78 9.43 21.80 -13.45
CA LYS D 78 9.88 20.41 -13.13
C LYS D 78 8.88 19.71 -12.19
N VAL D 79 7.62 20.15 -12.17
CA VAL D 79 6.60 19.42 -11.36
C VAL D 79 5.51 18.94 -12.33
N ASN D 80 5.30 17.63 -12.44
CA ASN D 80 4.33 17.09 -13.42
C ASN D 80 2.93 17.03 -12.80
N PHE D 81 1.92 17.47 -13.54
CA PHE D 81 0.52 17.46 -13.04
C PHE D 81 -0.35 16.67 -13.99
N HIS D 82 -1.15 15.73 -13.46
CA HIS D 82 -2.05 14.92 -14.31
C HIS D 82 -3.49 15.38 -14.13
N MET D 83 -4.11 15.90 -15.18
CA MET D 83 -5.49 16.44 -15.09
C MET D 83 -6.47 15.44 -15.70
N PHE D 84 -7.42 14.95 -14.92
CA PHE D 84 -8.37 13.92 -15.41
C PHE D 84 -9.75 14.52 -15.65
N ASP D 85 -10.19 14.58 -16.91
CA ASP D 85 -11.55 15.10 -17.22
C ASP D 85 -12.49 13.91 -17.44
N VAL D 86 -13.30 13.57 -16.44
CA VAL D 86 -14.25 12.41 -16.56
C VAL D 86 -15.59 12.91 -17.11
N GLY D 87 -15.73 12.93 -18.43
CA GLY D 87 -16.97 13.42 -19.07
C GLY D 87 -17.81 12.26 -19.60
N GLY D 88 -17.26 11.04 -19.57
CA GLY D 88 -17.99 9.84 -20.05
C GLY D 88 -19.17 9.48 -19.17
N GLN D 89 -19.09 9.77 -17.86
CA GLN D 89 -20.20 9.50 -16.93
C GLN D 89 -20.96 10.80 -16.65
N ARG D 90 -22.29 10.78 -16.79
CA ARG D 90 -23.11 12.00 -16.53
C ARG D 90 -24.12 11.72 -15.41
N ASP D 91 -25.17 12.54 -15.32
CA ASP D 91 -26.24 12.34 -14.29
C ASP D 91 -25.60 12.32 -12.89
N GLU D 92 -25.84 11.26 -12.11
CA GLU D 92 -25.26 11.14 -10.75
C GLU D 92 -23.74 11.10 -10.88
N ARG D 93 -23.03 12.03 -10.23
CA ARG D 93 -21.55 12.10 -10.35
C ARG D 93 -20.91 11.78 -9.01
N ARG D 94 -21.67 11.93 -7.92
CA ARG D 94 -21.11 11.69 -6.56
C ARG D 94 -20.54 10.27 -6.46
N LYS D 95 -21.12 9.31 -7.18
CA LYS D 95 -20.67 7.90 -7.07
C LYS D 95 -19.21 7.77 -7.58
N TRP D 96 -18.88 8.43 -8.68
CA TRP D 96 -17.50 8.36 -9.22
C TRP D 96 -16.60 9.48 -8.69
N ILE D 97 -17.16 10.44 -7.96
CA ILE D 97 -16.32 11.52 -7.34
C ILE D 97 -15.59 10.91 -6.13
N GLN D 98 -16.09 9.78 -5.62
CA GLN D 98 -15.44 9.10 -4.46
C GLN D 98 -14.02 8.74 -4.90
N CYS D 99 -13.83 8.38 -6.17
CA CYS D 99 -12.49 7.99 -6.68
C CYS D 99 -11.52 9.15 -6.55
N PHE D 100 -11.98 10.37 -6.85
CA PHE D 100 -11.08 11.56 -6.83
C PHE D 100 -11.15 12.26 -5.47
N ASN D 101 -10.98 11.51 -4.38
CA ASN D 101 -10.97 12.14 -3.03
C ASN D 101 -9.54 12.37 -2.58
N ASP D 102 -8.57 12.24 -3.49
CA ASP D 102 -7.14 12.39 -3.13
C ASP D 102 -6.47 13.41 -4.07
N VAL D 103 -7.19 13.87 -5.08
CA VAL D 103 -6.64 14.89 -6.02
C VAL D 103 -6.22 16.12 -5.20
N THR D 104 -5.13 16.77 -5.60
CA THR D 104 -4.66 17.97 -4.88
C THR D 104 -5.67 19.11 -5.06
N ALA D 105 -6.32 19.19 -6.22
CA ALA D 105 -7.28 20.29 -6.48
C ALA D 105 -8.35 19.83 -7.47
N ILE D 106 -9.41 20.62 -7.63
CA ILE D 106 -10.49 20.29 -8.60
C ILE D 106 -10.67 21.50 -9.52
N ILE D 107 -9.91 21.58 -10.60
CA ILE D 107 -10.08 22.72 -11.55
C ILE D 107 -11.54 22.71 -12.01
N PHE D 108 -12.26 23.80 -11.76
CA PHE D 108 -13.69 23.90 -12.13
C PHE D 108 -13.85 25.04 -13.13
N VAL D 109 -14.24 24.73 -14.36
CA VAL D 109 -14.32 25.79 -15.41
C VAL D 109 -15.78 26.20 -15.58
N VAL D 110 -16.05 27.50 -15.68
CA VAL D 110 -17.45 27.98 -15.80
C VAL D 110 -17.54 28.92 -17.02
N ASP D 111 -18.57 28.75 -17.85
CA ASP D 111 -18.77 29.66 -19.00
C ASP D 111 -19.42 30.95 -18.50
N SER D 112 -18.61 31.99 -18.28
CA SER D 112 -19.15 33.30 -17.79
C SER D 112 -20.15 33.86 -18.80
N SER D 113 -19.92 33.64 -20.10
CA SER D 113 -20.81 34.20 -21.15
C SER D 113 -22.26 33.76 -20.91
N ASP D 114 -22.50 32.45 -20.84
CA ASP D 114 -23.89 31.93 -20.72
C ASP D 114 -24.39 32.14 -19.29
N TYR D 115 -25.47 32.93 -19.13
CA TYR D 115 -26.06 33.17 -17.80
C TYR D 115 -27.14 32.12 -17.55
N ASN D 116 -27.76 31.65 -18.64
CA ASN D 116 -28.77 30.57 -18.52
C ASN D 116 -28.09 29.35 -17.89
N ARG D 117 -26.87 29.04 -18.32
CA ARG D 117 -26.15 27.86 -17.79
C ARG D 117 -25.43 28.23 -16.50
N LEU D 118 -25.32 29.53 -16.20
CA LEU D 118 -24.55 29.95 -15.00
C LEU D 118 -25.19 29.39 -13.73
N GLN D 119 -26.52 29.47 -13.62
CA GLN D 119 -27.17 29.01 -12.37
C GLN D 119 -26.89 27.51 -12.21
N GLU D 120 -26.92 26.77 -13.32
CA GLU D 120 -26.64 25.32 -13.27
C GLU D 120 -25.22 25.12 -12.75
N ALA D 121 -24.29 25.93 -13.24
CA ALA D 121 -22.88 25.81 -12.82
C ALA D 121 -22.78 26.08 -11.32
N LEU D 122 -23.49 27.10 -10.84
CA LEU D 122 -23.46 27.44 -9.39
C LEU D 122 -23.94 26.22 -8.61
N ASN D 123 -25.00 25.58 -9.09
CA ASN D 123 -25.55 24.39 -8.39
C ASN D 123 -24.46 23.31 -8.38
N LEU D 124 -23.80 23.11 -9.53
CA LEU D 124 -22.76 22.07 -9.62
C LEU D 124 -21.65 22.40 -8.62
N PHE D 125 -21.18 23.66 -8.62
CA PHE D 125 -20.11 24.07 -7.69
C PHE D 125 -20.56 23.75 -6.27
N LYS D 126 -21.79 24.11 -5.94
CA LYS D 126 -22.30 23.89 -4.57
C LYS D 126 -22.21 22.41 -4.24
N SER D 127 -22.67 21.56 -5.16
CA SER D 127 -22.62 20.10 -4.94
C SER D 127 -21.17 19.70 -4.69
N ILE D 128 -20.26 20.12 -5.58
CA ILE D 128 -18.84 19.71 -5.46
C ILE D 128 -18.30 20.22 -4.13
N TRP D 129 -18.50 21.50 -3.83
CA TRP D 129 -17.95 22.08 -2.58
C TRP D 129 -18.46 21.32 -1.35
N ASN D 130 -19.72 20.88 -1.36
CA ASN D 130 -20.30 20.26 -0.15
C ASN D 130 -20.14 18.73 -0.19
N ASN D 131 -19.69 18.17 -1.31
CA ASN D 131 -19.56 16.68 -1.42
C ASN D 131 -18.78 16.15 -0.23
N ARG D 132 -19.33 15.17 0.48
CA ARG D 132 -18.66 14.65 1.70
C ARG D 132 -17.26 14.12 1.36
N TRP D 133 -17.06 13.63 0.14
CA TRP D 133 -15.75 13.02 -0.23
C TRP D 133 -14.76 14.11 -0.65
N LEU D 134 -15.26 15.30 -1.01
CA LEU D 134 -14.39 16.42 -1.43
C LEU D 134 -14.41 17.51 -0.37
N ARG D 135 -14.54 17.14 0.91
CA ARG D 135 -14.69 18.18 1.98
C ARG D 135 -13.32 18.72 2.40
N THR D 136 -12.23 18.06 2.00
CA THR D 136 -10.88 18.62 2.29
C THR D 136 -10.14 18.96 0.98
N ILE D 137 -10.80 18.89 -0.17
CA ILE D 137 -10.12 19.12 -1.48
C ILE D 137 -10.42 20.53 -1.96
N SER D 138 -9.39 21.32 -2.26
CA SER D 138 -9.57 22.73 -2.71
C SER D 138 -10.10 22.78 -4.14
N VAL D 139 -10.56 23.95 -4.58
CA VAL D 139 -11.12 24.08 -5.95
C VAL D 139 -10.49 25.31 -6.60
N ILE D 140 -9.91 25.16 -7.79
CA ILE D 140 -9.34 26.32 -8.52
C ILE D 140 -10.35 26.76 -9.59
N LEU D 141 -11.28 27.63 -9.22
CA LEU D 141 -12.31 28.09 -10.17
C LEU D 141 -11.67 28.90 -11.28
N PHE D 142 -11.98 28.57 -12.54
CA PHE D 142 -11.42 29.31 -13.70
C PHE D 142 -12.58 29.86 -14.51
N LEU D 143 -13.13 31.01 -14.10
CA LEU D 143 -14.19 31.64 -14.93
C LEU D 143 -13.62 31.79 -16.34
N ASN D 144 -14.14 31.03 -17.30
CA ASN D 144 -13.55 31.04 -18.67
C ASN D 144 -14.37 31.92 -19.60
N LYS D 145 -13.88 32.13 -20.83
CA LYS D 145 -14.59 32.96 -21.83
C LYS D 145 -14.95 34.31 -21.22
N GLN D 146 -14.02 34.93 -20.49
CA GLN D 146 -14.26 36.28 -19.91
C GLN D 146 -14.42 37.28 -21.07
N ASP D 147 -13.78 36.99 -22.22
CA ASP D 147 -13.90 37.86 -23.40
C ASP D 147 -15.35 37.91 -23.87
N LEU D 148 -15.96 36.74 -24.06
CA LEU D 148 -17.36 36.67 -24.56
C LEU D 148 -18.27 37.41 -23.58
N LEU D 149 -18.04 37.25 -22.28
CA LEU D 149 -18.86 37.94 -21.25
C LEU D 149 -18.78 39.44 -21.52
N ALA D 150 -17.56 39.95 -21.73
CA ALA D 150 -17.38 41.39 -21.98
C ALA D 150 -18.23 41.81 -23.18
N GLU D 151 -18.12 41.07 -24.30
CA GLU D 151 -18.85 41.46 -25.53
C GLU D 151 -20.34 41.57 -25.22
N LYS D 152 -20.88 40.60 -24.46
CA LYS D 152 -22.32 40.60 -24.10
C LYS D 152 -22.64 41.87 -23.30
N VAL D 153 -21.79 42.22 -22.32
CA VAL D 153 -22.04 43.42 -21.48
C VAL D 153 -21.96 44.66 -22.38
N LEU D 154 -20.98 44.71 -23.28
CA LEU D 154 -20.81 45.87 -24.19
C LEU D 154 -22.06 46.03 -25.05
N ALA D 155 -22.55 44.93 -25.61
CA ALA D 155 -23.73 45.00 -26.52
C ALA D 155 -25.02 45.09 -25.72
N GLY D 156 -24.94 44.91 -24.40
CA GLY D 156 -26.15 44.90 -23.54
C GLY D 156 -26.87 43.57 -23.65
N LYS D 157 -27.53 43.31 -24.78
CA LYS D 157 -28.22 42.01 -25.01
C LYS D 157 -29.05 41.64 -23.79
N SER D 158 -28.78 40.49 -23.18
CA SER D 158 -29.53 40.04 -21.98
C SER D 158 -28.89 40.62 -20.72
N LYS D 159 -29.67 41.37 -19.93
CA LYS D 159 -29.15 41.95 -18.66
C LYS D 159 -28.87 40.83 -17.66
N ILE D 160 -27.78 40.95 -16.89
CA ILE D 160 -27.47 39.92 -15.85
C ILE D 160 -28.53 40.04 -14.74
N GLU D 161 -29.06 41.24 -14.50
CA GLU D 161 -30.12 41.44 -13.47
C GLU D 161 -31.31 40.55 -13.82
N ASP D 162 -31.61 40.41 -15.11
CA ASP D 162 -32.74 39.55 -15.54
C ASP D 162 -32.53 38.16 -14.96
N TYR D 163 -31.34 37.58 -15.15
CA TYR D 163 -31.06 36.20 -14.67
C TYR D 163 -30.85 36.21 -13.14
N PHE D 164 -30.13 37.21 -12.64
CA PHE D 164 -29.87 37.32 -11.19
C PHE D 164 -30.16 38.75 -10.75
N PRO D 165 -31.34 39.04 -10.15
CA PRO D 165 -31.71 40.42 -9.81
C PRO D 165 -30.69 41.15 -8.93
N GLU D 166 -29.97 40.41 -8.08
CA GLU D 166 -28.99 41.04 -7.15
C GLU D 166 -27.98 41.88 -7.93
N PHE D 167 -27.81 41.64 -9.24
CA PHE D 167 -26.77 42.35 -10.00
C PHE D 167 -26.94 43.88 -9.87
N ALA D 168 -28.18 44.37 -9.93
CA ALA D 168 -28.44 45.82 -9.80
C ALA D 168 -27.91 46.32 -8.45
N ARG D 169 -28.30 45.65 -7.36
CA ARG D 169 -27.87 46.06 -5.99
C ARG D 169 -26.35 45.88 -5.86
N TYR D 170 -25.77 44.90 -6.56
CA TYR D 170 -24.32 44.61 -6.46
C TYR D 170 -23.47 45.78 -6.95
N THR D 171 -22.35 46.05 -6.28
CA THR D 171 -21.41 47.12 -6.74
C THR D 171 -19.99 46.55 -6.73
N THR D 172 -19.12 47.02 -7.63
CA THR D 172 -17.74 46.45 -7.71
C THR D 172 -17.05 46.68 -6.35
N PRO D 173 -16.49 45.64 -5.68
CA PRO D 173 -15.83 45.79 -4.39
C PRO D 173 -14.59 46.70 -4.46
N GLU D 174 -14.23 47.31 -3.33
CA GLU D 174 -13.00 48.16 -3.28
C GLU D 174 -11.79 47.24 -3.44
N ASP D 175 -11.85 46.04 -2.86
CA ASP D 175 -10.71 45.08 -2.93
C ASP D 175 -10.49 44.66 -4.39
N ALA D 176 -11.48 44.88 -5.25
CA ALA D 176 -11.37 44.44 -6.65
C ALA D 176 -10.18 45.10 -7.33
N THR D 177 -9.50 44.38 -8.23
CA THR D 177 -8.35 44.94 -8.97
C THR D 177 -8.74 45.11 -10.44
N PRO D 178 -9.28 46.27 -10.87
CA PRO D 178 -9.72 46.45 -12.25
C PRO D 178 -8.56 46.32 -13.25
N GLU D 179 -8.72 45.46 -14.25
CA GLU D 179 -7.68 45.31 -15.30
C GLU D 179 -7.73 46.52 -16.23
N PRO D 180 -6.64 46.85 -16.96
CA PRO D 180 -6.66 47.96 -17.92
C PRO D 180 -7.73 47.74 -19.02
N GLY D 181 -8.38 48.83 -19.46
CA GLY D 181 -9.39 48.74 -20.53
C GLY D 181 -10.60 47.91 -20.11
N GLU D 182 -11.08 48.12 -18.89
CA GLU D 182 -12.25 47.36 -18.38
C GLU D 182 -13.38 48.34 -18.03
N ASP D 183 -14.41 48.43 -18.88
CA ASP D 183 -15.58 49.29 -18.55
C ASP D 183 -16.10 48.87 -17.19
N PRO D 184 -16.42 49.78 -16.22
CA PRO D 184 -16.84 49.34 -14.90
C PRO D 184 -17.99 48.34 -15.03
N ARG D 185 -18.79 48.46 -16.10
CA ARG D 185 -19.91 47.50 -16.33
C ARG D 185 -19.33 46.11 -16.54
N VAL D 186 -18.36 45.97 -17.44
CA VAL D 186 -17.70 44.66 -17.68
C VAL D 186 -17.03 44.20 -16.37
N THR D 187 -16.36 45.12 -15.68
CA THR D 187 -15.66 44.78 -14.41
C THR D 187 -16.65 44.27 -13.37
N ARG D 188 -17.77 44.97 -13.21
CA ARG D 188 -18.79 44.59 -12.19
C ARG D 188 -19.35 43.21 -12.54
N ALA D 189 -19.59 42.98 -13.84
CA ALA D 189 -20.12 41.68 -14.30
C ALA D 189 -19.15 40.59 -13.86
N LYS D 190 -17.86 40.72 -14.21
CA LYS D 190 -16.89 39.65 -13.90
C LYS D 190 -16.89 39.38 -12.40
N TYR D 191 -16.79 40.43 -11.59
CA TYR D 191 -16.66 40.22 -10.12
C TYR D 191 -18.01 39.81 -9.51
N PHE D 192 -19.12 40.01 -10.24
CA PHE D 192 -20.44 39.56 -9.74
C PHE D 192 -20.48 38.03 -9.76
N ILE D 193 -20.00 37.45 -10.87
CA ILE D 193 -19.97 35.96 -10.98
C ILE D 193 -19.04 35.41 -9.91
N ARG D 194 -17.87 36.03 -9.80
CA ARG D 194 -16.88 35.57 -8.79
C ARG D 194 -17.52 35.67 -7.42
N ASP D 195 -18.30 36.73 -7.19
CA ASP D 195 -18.92 36.91 -5.86
C ASP D 195 -19.85 35.73 -5.58
N GLU D 196 -20.62 35.32 -6.59
CA GLU D 196 -21.60 34.21 -6.41
C GLU D 196 -20.87 32.94 -5.98
N PHE D 197 -19.83 32.57 -6.72
CA PHE D 197 -19.12 31.30 -6.41
C PHE D 197 -18.43 31.43 -5.05
N LEU D 198 -17.92 32.63 -4.75
CA LEU D 198 -17.32 32.84 -3.41
C LEU D 198 -18.40 32.64 -2.35
N ARG D 199 -19.54 33.32 -2.52
CA ARG D 199 -20.67 33.15 -1.56
C ARG D 199 -20.92 31.66 -1.35
N ILE D 200 -20.95 30.89 -2.45
CA ILE D 200 -21.26 29.43 -2.35
C ILE D 200 -20.18 28.74 -1.51
N SER D 201 -18.91 29.09 -1.75
CA SER D 201 -17.78 28.42 -1.05
C SER D 201 -17.65 28.89 0.40
N THR D 202 -17.97 30.15 0.68
CA THR D 202 -17.79 30.70 2.06
C THR D 202 -18.82 30.09 3.01
N ALA D 203 -20.05 29.84 2.54
CA ALA D 203 -21.13 29.33 3.41
C ALA D 203 -20.74 27.98 4.04
N SER D 204 -20.29 27.03 3.22
CA SER D 204 -19.97 25.67 3.74
C SER D 204 -18.45 25.52 3.90
N GLY D 205 -18.01 24.48 4.64
CA GLY D 205 -16.57 24.23 4.80
C GLY D 205 -15.95 25.11 5.87
N ASP D 206 -14.95 24.60 6.60
CA ASP D 206 -14.38 25.38 7.73
C ASP D 206 -12.85 25.41 7.63
N GLY D 207 -12.30 26.13 6.65
CA GLY D 207 -10.83 26.25 6.54
C GLY D 207 -10.18 24.94 6.14
N ARG D 208 -10.95 23.85 6.00
CA ARG D 208 -10.40 22.55 5.52
C ARG D 208 -10.04 22.65 4.04
N HIS D 209 -10.85 23.37 3.25
CA HIS D 209 -10.58 23.55 1.80
C HIS D 209 -10.83 25.00 1.40
N TYR D 210 -10.22 25.45 0.30
CA TYR D 210 -10.32 26.87 -0.11
C TYR D 210 -10.66 26.96 -1.60
N CYS D 211 -11.27 28.05 -2.04
CA CYS D 211 -11.51 28.22 -3.50
C CYS D 211 -10.61 29.33 -4.01
N TYR D 212 -9.96 29.11 -5.16
CA TYR D 212 -9.03 30.13 -5.73
C TYR D 212 -9.64 30.65 -7.03
N PRO D 213 -10.35 31.80 -7.00
CA PRO D 213 -10.98 32.33 -8.18
C PRO D 213 -9.93 32.93 -9.13
N HIS D 214 -9.89 32.46 -10.37
CA HIS D 214 -8.93 33.06 -11.34
C HIS D 214 -9.69 33.41 -12.62
N PHE D 215 -9.96 34.69 -12.85
CA PHE D 215 -10.61 35.13 -14.11
C PHE D 215 -9.70 34.76 -15.28
N THR D 216 -10.17 33.89 -16.18
CA THR D 216 -9.31 33.43 -17.30
C THR D 216 -10.01 33.63 -18.65
N CYS D 217 -9.25 33.54 -19.74
CA CYS D 217 -9.83 33.71 -21.10
C CYS D 217 -9.45 32.50 -21.94
N ALA D 218 -9.88 32.48 -23.21
CA ALA D 218 -9.54 31.34 -24.12
C ALA D 218 -8.07 31.44 -24.54
N VAL D 219 -7.64 32.62 -25.01
CA VAL D 219 -6.23 32.82 -25.45
C VAL D 219 -5.31 32.65 -24.24
N ASP D 220 -5.74 33.09 -23.06
CA ASP D 220 -4.90 33.01 -21.83
C ASP D 220 -4.24 31.63 -21.75
N THR D 221 -2.90 31.60 -21.75
CA THR D 221 -2.16 30.31 -21.70
C THR D 221 -1.37 30.23 -20.38
N GLU D 222 -1.44 31.27 -19.55
CA GLU D 222 -0.73 31.28 -18.24
C GLU D 222 -1.50 30.43 -17.23
N ASN D 223 -2.63 29.84 -17.66
CA ASN D 223 -3.47 29.02 -16.75
C ASN D 223 -2.60 27.99 -16.02
N ALA D 224 -1.64 27.37 -16.71
CA ALA D 224 -0.84 26.32 -16.06
C ALA D 224 -0.09 26.91 -14.87
N ARG D 225 0.44 28.12 -14.98
CA ARG D 225 1.23 28.72 -13.86
C ARG D 225 0.32 28.97 -12.66
N ARG D 226 -0.90 29.44 -12.92
CA ARG D 226 -1.88 29.69 -11.83
C ARG D 226 -2.09 28.38 -11.07
N ILE D 227 -2.38 27.30 -11.80
CA ILE D 227 -2.55 25.97 -11.15
C ILE D 227 -1.34 25.74 -10.26
N PHE D 228 -0.14 25.94 -10.79
CA PHE D 228 1.10 25.64 -10.02
C PHE D 228 1.10 26.39 -8.69
N ASN D 229 0.97 27.72 -8.72
CA ASN D 229 1.05 28.52 -7.46
C ASN D 229 -0.04 28.10 -6.48
N ASP D 230 -1.26 27.93 -6.98
CA ASP D 230 -2.39 27.58 -6.10
C ASP D 230 -2.13 26.22 -5.47
N CYS D 231 -1.61 25.28 -6.26
CA CYS D 231 -1.28 23.93 -5.72
C CYS D 231 -0.22 24.09 -4.62
N ARG D 232 0.80 24.93 -4.84
CA ARG D 232 1.81 25.18 -3.79
C ARG D 232 1.09 25.59 -2.52
N ASP D 233 0.23 26.61 -2.56
CA ASP D 233 -0.46 27.11 -1.34
C ASP D 233 -1.22 25.98 -0.65
N ILE D 234 -2.02 25.22 -1.39
CA ILE D 234 -2.83 24.11 -0.82
C ILE D 234 -1.91 23.13 -0.10
N ILE D 235 -0.86 22.65 -0.78
CA ILE D 235 0.02 21.62 -0.15
C ILE D 235 0.75 22.29 1.02
N GLN D 236 1.17 23.56 0.88
CA GLN D 236 1.81 24.27 2.02
C GLN D 236 0.87 24.23 3.23
N ARG D 237 -0.39 24.64 3.05
CA ARG D 237 -1.38 24.63 4.17
C ARG D 237 -1.57 23.25 4.79
N MET D 238 -1.59 22.19 3.99
CA MET D 238 -1.72 20.80 4.51
C MET D 238 -0.45 20.41 5.26
N HIS D 239 0.74 20.67 4.69
CA HIS D 239 2.02 20.38 5.36
C HIS D 239 2.11 21.18 6.67
N LEU D 240 1.46 22.33 6.74
CA LEU D 240 1.48 23.17 7.97
C LEU D 240 0.65 22.50 9.06
N ARG D 241 -0.28 21.60 8.71
CA ARG D 241 -1.02 20.81 9.73
C ARG D 241 -0.39 19.42 9.90
N GLN D 242 0.22 18.88 8.84
CA GLN D 242 0.82 17.53 8.87
C GLN D 242 2.08 17.56 9.75
N TYR D 243 2.87 18.63 9.66
CA TYR D 243 4.11 18.75 10.49
C TYR D 243 3.72 19.28 11.87
N GLU D 244 2.41 19.46 12.11
CA GLU D 244 1.90 19.88 13.44
C GLU D 244 2.47 21.25 13.83
N LEU D 245 2.75 22.10 12.83
CA LEU D 245 3.21 23.47 13.11
C LEU D 245 1.99 24.37 13.38
N LEU D 246 0.79 23.89 13.05
CA LEU D 246 -0.44 24.65 13.38
C LEU D 246 -1.20 23.88 14.47
N PRO E 69 42.77 18.05 50.95
CA PRO E 69 41.32 17.86 51.13
C PRO E 69 40.54 18.44 49.94
N ASN E 70 39.56 17.69 49.43
CA ASN E 70 38.72 18.16 48.30
C ASN E 70 38.13 19.52 48.67
N GLN E 71 38.52 20.57 47.94
CA GLN E 71 38.02 21.94 48.24
C GLN E 71 36.61 22.10 47.67
N PHE E 72 36.15 21.16 46.84
CA PHE E 72 34.82 21.28 46.18
C PHE E 72 33.71 20.65 47.03
N VAL E 73 33.86 20.66 48.35
CA VAL E 73 32.79 20.14 49.26
C VAL E 73 31.85 21.33 49.55
N GLN E 74 30.99 21.66 48.59
CA GLN E 74 30.07 22.83 48.75
C GLN E 74 29.19 22.62 49.99
N PRO E 75 28.89 23.69 50.77
CA PRO E 75 28.05 23.58 51.97
C PRO E 75 26.72 22.84 51.75
N ALA E 76 26.19 22.20 52.79
CA ALA E 76 24.94 21.41 52.67
C ALA E 76 23.85 22.26 52.01
N TRP E 77 23.70 23.52 52.44
CA TRP E 77 22.60 24.36 51.91
C TRP E 77 22.81 24.58 50.41
N GLN E 78 24.06 24.82 49.98
CA GLN E 78 24.34 24.96 48.53
C GLN E 78 23.90 23.68 47.83
N ILE E 79 24.32 22.53 48.35
CA ILE E 79 23.93 21.22 47.76
C ILE E 79 22.41 21.19 47.64
N VAL E 80 21.69 21.48 48.73
CA VAL E 80 20.20 21.38 48.72
C VAL E 80 19.66 22.24 47.57
N LEU E 81 20.01 23.53 47.51
CA LEU E 81 19.41 24.42 46.48
C LEU E 81 19.69 23.88 45.06
N TRP E 82 20.97 23.61 44.77
CA TRP E 82 21.32 23.11 43.42
C TRP E 82 20.49 21.86 43.14
N ALA E 83 20.50 20.91 44.09
CA ALA E 83 19.71 19.67 43.90
C ALA E 83 18.29 20.06 43.50
N ALA E 84 17.65 20.95 44.26
CA ALA E 84 16.24 21.28 43.97
C ALA E 84 16.04 21.66 42.50
N ALA E 85 16.69 22.74 42.05
CA ALA E 85 16.49 23.23 40.67
C ALA E 85 16.81 22.13 39.66
N TYR E 86 17.99 21.52 39.78
CA TYR E 86 18.36 20.42 38.87
C TYR E 86 17.22 19.42 38.83
N THR E 87 16.82 18.93 40.00
CA THR E 87 15.73 17.93 40.09
C THR E 87 14.53 18.42 39.28
N VAL E 88 14.10 19.66 39.51
CA VAL E 88 12.88 20.17 38.82
C VAL E 88 13.07 19.98 37.31
N ILE E 89 14.13 20.58 36.76
CA ILE E 89 14.39 20.47 35.29
C ILE E 89 14.36 19.00 34.88
N VAL E 90 15.22 18.17 35.47
CA VAL E 90 15.30 16.74 35.05
C VAL E 90 13.89 16.16 34.98
N VAL E 91 13.21 16.08 36.13
CA VAL E 91 11.86 15.46 36.19
C VAL E 91 11.00 16.04 35.07
N THR E 92 10.77 17.36 35.09
CA THR E 92 9.85 17.96 34.08
C THR E 92 10.24 17.49 32.69
N SER E 93 11.48 17.73 32.28
CA SER E 93 11.93 17.37 30.91
C SER E 93 11.68 15.88 30.60
N VAL E 94 12.19 14.96 31.44
CA VAL E 94 12.07 13.52 31.10
C VAL E 94 10.59 13.13 30.98
N VAL E 95 9.78 13.53 31.96
CA VAL E 95 8.32 13.25 31.92
C VAL E 95 7.78 13.81 30.61
N GLY E 96 8.03 15.09 30.33
CA GLY E 96 7.46 15.73 29.12
C GLY E 96 7.85 14.99 27.84
N ASN E 97 9.15 14.77 27.63
CA ASN E 97 9.63 14.09 26.40
C ASN E 97 9.04 12.69 26.33
N VAL E 98 9.01 11.99 27.46
CA VAL E 98 8.43 10.61 27.50
C VAL E 98 6.96 10.72 27.09
N VAL E 99 6.21 11.68 27.64
CA VAL E 99 4.80 11.85 27.22
C VAL E 99 4.75 12.11 25.70
N VAL E 100 5.61 12.99 25.19
CA VAL E 100 5.64 13.30 23.73
C VAL E 100 5.80 11.99 22.96
N MET E 101 6.83 11.20 23.31
CA MET E 101 7.06 9.90 22.64
C MET E 101 5.76 9.09 22.69
N TRP E 102 5.17 9.00 23.88
CA TRP E 102 3.93 8.20 24.05
C TRP E 102 2.86 8.71 23.09
N ILE E 103 2.54 10.01 23.15
CA ILE E 103 1.49 10.61 22.27
C ILE E 103 1.70 10.13 20.82
N ILE E 104 2.91 10.29 20.29
CA ILE E 104 3.18 9.93 18.87
C ILE E 104 2.99 8.43 18.67
N LEU E 105 3.62 7.59 19.49
CA LEU E 105 3.56 6.13 19.25
C LEU E 105 2.19 5.55 19.60
N ALA E 106 1.66 5.87 20.78
CA ALA E 106 0.37 5.27 21.22
C ALA E 106 -0.75 5.64 20.23
N HIS E 107 -0.98 6.94 20.04
CA HIS E 107 -1.99 7.37 19.05
C HIS E 107 -1.39 7.20 17.66
N LYS E 108 -1.68 6.08 16.98
CA LYS E 108 -1.08 5.79 15.66
C LYS E 108 -1.50 6.87 14.65
N ARG E 109 -2.59 7.59 14.92
CA ARG E 109 -2.99 8.72 14.04
C ARG E 109 -1.81 9.71 13.96
N MET E 110 -1.24 10.06 15.11
CA MET E 110 -0.09 11.00 15.16
C MET E 110 1.21 10.28 14.77
N ARG E 111 1.20 8.94 14.75
CA ARG E 111 2.41 8.17 14.36
C ARG E 111 2.55 8.21 12.84
N THR E 112 3.32 9.17 12.32
CA THR E 112 3.48 9.30 10.85
C THR E 112 4.98 9.40 10.52
N VAL E 113 5.32 9.23 9.24
CA VAL E 113 6.74 9.39 8.81
C VAL E 113 7.20 10.80 9.22
N THR E 114 6.30 11.77 9.11
CA THR E 114 6.63 13.18 9.46
C THR E 114 7.13 13.23 10.91
N ASN E 115 6.46 12.53 11.82
CA ASN E 115 6.83 12.61 13.26
C ASN E 115 8.01 11.68 13.59
N TYR E 116 8.63 11.03 12.60
CA TYR E 116 9.75 10.11 12.95
C TYR E 116 10.90 10.94 13.50
N PHE E 117 11.26 12.02 12.80
CA PHE E 117 12.36 12.91 13.26
C PHE E 117 11.97 13.51 14.60
N LEU E 118 10.69 13.86 14.77
CA LEU E 118 10.21 14.39 16.06
C LEU E 118 10.44 13.31 17.11
N VAL E 119 10.09 12.06 16.80
CA VAL E 119 10.31 10.94 17.76
C VAL E 119 11.80 10.91 18.12
N ASN E 120 12.66 10.87 17.10
CA ASN E 120 14.14 10.81 17.33
C ASN E 120 14.53 11.96 18.25
N LEU E 121 14.15 13.20 17.91
CA LEU E 121 14.46 14.37 18.79
C LEU E 121 14.02 14.05 20.21
N ALA E 122 12.71 13.83 20.41
CA ALA E 122 12.22 13.62 21.79
C ALA E 122 13.03 12.56 22.53
N PHE E 123 13.17 11.37 21.92
CA PHE E 123 13.88 10.24 22.58
C PHE E 123 15.27 10.69 23.03
N ALA E 124 16.07 11.21 22.09
CA ALA E 124 17.45 11.60 22.43
C ALA E 124 17.40 12.58 23.60
N GLU E 125 16.52 13.59 23.53
CA GLU E 125 16.41 14.62 24.60
C GLU E 125 16.09 13.97 25.94
N ALA E 126 15.13 13.04 25.97
CA ALA E 126 14.72 12.40 27.24
C ALA E 126 15.91 11.67 27.85
N SER E 127 16.57 10.84 27.05
CA SER E 127 17.74 10.07 27.56
C SER E 127 18.78 11.05 28.09
N MET E 128 18.98 12.17 27.38
CA MET E 128 20.00 13.17 27.81
C MET E 128 19.68 13.62 29.24
N ALA E 129 18.46 14.13 29.46
CA ALA E 129 18.11 14.66 30.79
C ALA E 129 18.20 13.55 31.85
N ALA E 130 17.83 12.32 31.49
CA ALA E 130 17.83 11.22 32.47
C ALA E 130 19.25 10.81 32.83
N PHE E 131 20.11 10.61 31.83
CA PHE E 131 21.46 10.11 32.11
C PHE E 131 22.42 11.29 32.34
N ASN E 132 22.76 12.01 31.26
CA ASN E 132 23.75 13.12 31.36
C ASN E 132 23.54 13.97 32.62
N THR E 133 22.33 14.47 32.84
CA THR E 133 22.13 15.43 33.96
C THR E 133 22.37 14.79 35.32
N VAL E 134 21.49 13.89 35.77
CA VAL E 134 21.59 13.32 37.14
C VAL E 134 23.04 12.88 37.41
N VAL E 135 23.60 12.07 36.51
CA VAL E 135 24.97 11.53 36.75
C VAL E 135 25.93 12.72 36.93
N ASN E 136 25.98 13.62 35.94
CA ASN E 136 26.95 14.75 36.02
C ASN E 136 26.72 15.55 37.31
N PHE E 137 25.46 15.77 37.69
CA PHE E 137 25.19 16.59 38.89
C PHE E 137 25.80 15.93 40.12
N THR E 138 25.47 14.66 40.34
CA THR E 138 26.02 13.91 41.52
C THR E 138 27.54 14.01 41.47
N TYR E 139 28.13 13.89 40.28
CA TYR E 139 29.60 14.04 40.15
C TYR E 139 29.99 15.42 40.68
N ALA E 140 29.25 16.46 40.29
CA ALA E 140 29.62 17.85 40.67
C ALA E 140 29.40 18.14 42.16
N VAL E 141 28.63 17.29 42.86
CA VAL E 141 28.32 17.59 44.29
C VAL E 141 29.64 17.77 45.05
N HIS E 142 30.56 16.79 44.93
CA HIS E 142 31.89 16.93 45.57
C HIS E 142 32.91 16.50 44.51
N ASN E 143 32.57 16.58 43.22
CA ASN E 143 33.48 16.11 42.13
C ASN E 143 33.90 14.65 42.38
N GLU E 144 33.02 13.86 43.02
CA GLU E 144 33.40 12.45 43.37
C GLU E 144 32.70 11.56 42.34
N TRP E 145 33.39 10.53 41.84
CA TRP E 145 32.75 9.57 40.91
C TRP E 145 32.17 8.39 41.71
N TYR E 146 30.87 8.44 42.02
CA TYR E 146 30.23 7.39 42.86
C TYR E 146 29.79 6.20 42.00
N TYR E 147 30.44 5.98 40.85
CA TYR E 147 30.03 4.89 39.93
C TYR E 147 31.09 3.80 39.68
N GLY E 148 31.96 4.00 38.69
CA GLY E 148 33.00 3.01 38.38
C GLY E 148 33.69 3.30 37.06
N LEU E 149 34.81 2.62 36.78
CA LEU E 149 35.57 2.84 35.52
C LEU E 149 34.65 2.53 34.33
N PHE E 150 33.87 1.45 34.42
CA PHE E 150 32.91 1.13 33.33
C PHE E 150 31.95 2.31 33.15
N TYR E 151 31.37 2.82 34.25
CA TYR E 151 30.38 3.92 34.14
C TYR E 151 31.08 5.19 33.64
N CYS E 152 32.35 5.39 33.99
CA CYS E 152 33.12 6.55 33.48
C CYS E 152 33.17 6.48 31.95
N LYS E 153 33.47 5.29 31.40
CA LYS E 153 33.51 5.11 29.92
C LYS E 153 32.08 5.19 29.36
N PHE E 154 31.10 4.67 30.09
CA PHE E 154 29.69 4.67 29.62
C PHE E 154 29.15 6.11 29.60
N HIS E 155 29.38 6.87 30.67
CA HIS E 155 28.87 8.26 30.74
C HIS E 155 29.59 9.13 29.70
N ASN E 156 30.86 8.84 29.43
CA ASN E 156 31.60 9.59 28.38
C ASN E 156 31.26 9.01 27.01
N PHE E 157 30.23 8.17 26.93
CA PHE E 157 29.79 7.62 25.61
C PHE E 157 28.29 7.86 25.39
N PHE E 158 27.41 7.19 26.13
CA PHE E 158 25.95 7.33 25.80
C PHE E 158 25.42 8.76 26.03
N PRO E 159 25.46 9.34 27.27
CA PRO E 159 24.90 10.67 27.48
C PRO E 159 25.50 11.71 26.53
N ILE E 160 26.83 11.68 26.36
CA ILE E 160 27.51 12.70 25.50
C ILE E 160 27.01 12.53 24.07
N ALA E 161 26.89 11.29 23.59
CA ALA E 161 26.35 11.04 22.23
C ALA E 161 24.94 11.62 22.17
N ALA E 162 24.18 11.46 23.25
CA ALA E 162 22.78 11.94 23.24
C ALA E 162 22.73 13.45 23.06
N VAL E 163 23.70 14.18 23.61
CA VAL E 163 23.77 15.65 23.38
C VAL E 163 23.83 15.90 21.88
N PHE E 164 24.86 15.39 21.21
CA PHE E 164 25.07 15.60 19.76
C PHE E 164 23.82 15.10 19.04
N ALA E 165 23.28 13.95 19.47
CA ALA E 165 22.09 13.39 18.82
C ALA E 165 20.98 14.42 18.84
N SER E 166 20.67 15.00 20.00
CA SER E 166 19.54 15.96 20.10
C SER E 166 19.76 17.11 19.13
N ILE E 167 20.95 17.68 19.13
CA ILE E 167 21.24 18.87 18.28
C ILE E 167 21.06 18.52 16.80
N TYR E 168 21.59 17.37 16.38
CA TYR E 168 21.45 16.94 14.96
C TYR E 168 20.00 16.57 14.68
N SER E 169 19.27 16.06 15.67
CA SER E 169 17.82 15.78 15.45
C SER E 169 17.09 17.10 15.21
N MET E 170 17.51 18.17 15.90
CA MET E 170 16.89 19.49 15.65
C MET E 170 17.19 19.93 14.21
N THR E 171 18.43 19.76 13.74
CA THR E 171 18.74 20.10 12.33
C THR E 171 17.82 19.28 11.41
N ALA E 172 17.52 18.03 11.75
CA ALA E 172 16.72 17.15 10.88
C ALA E 172 15.26 17.63 10.81
N VAL E 173 14.63 17.86 11.96
CA VAL E 173 13.24 18.39 11.96
C VAL E 173 13.24 19.72 11.20
N ALA E 174 14.27 20.55 11.35
CA ALA E 174 14.31 21.87 10.69
C ALA E 174 14.40 21.68 9.18
N PHE E 175 15.21 20.77 8.69
CA PHE E 175 15.25 20.48 7.22
C PHE E 175 13.90 20.04 6.66
N ASP E 176 13.21 19.11 7.32
CA ASP E 176 11.86 18.72 6.85
C ASP E 176 10.89 19.90 6.84
N ARG E 177 10.92 20.74 7.88
CA ARG E 177 10.03 21.92 8.02
C ARG E 177 10.40 22.91 6.92
N TYR E 178 11.67 23.03 6.54
CA TYR E 178 12.07 23.87 5.40
C TYR E 178 11.47 23.29 4.13
N MET E 179 11.65 22.00 3.92
CA MET E 179 11.20 21.42 2.63
C MET E 179 9.67 21.45 2.57
N ALA E 180 8.98 21.33 3.70
CA ALA E 180 7.51 21.28 3.68
C ALA E 180 6.92 22.65 3.40
N ILE E 181 7.63 23.74 3.71
CA ILE E 181 7.03 25.10 3.53
C ILE E 181 7.67 25.80 2.32
N ILE E 182 8.98 25.71 2.14
CA ILE E 182 9.65 26.43 1.02
C ILE E 182 9.38 25.72 -0.32
N HIS E 183 9.49 24.39 -0.34
CA HIS E 183 9.19 23.62 -1.59
C HIS E 183 8.05 22.65 -1.30
N PRO E 184 6.76 23.10 -1.25
CA PRO E 184 5.66 22.23 -0.82
C PRO E 184 5.35 21.11 -1.82
N LEU E 185 5.58 21.35 -3.11
CA LEU E 185 5.23 20.35 -4.15
C LEU E 185 6.22 19.17 -4.13
N GLN E 186 7.52 19.45 -3.99
CA GLN E 186 8.53 18.37 -3.95
C GLN E 186 8.16 17.37 -2.85
N PRO E 187 8.15 16.02 -3.07
CA PRO E 187 7.68 15.08 -2.05
C PRO E 187 8.53 15.05 -0.78
N ARG E 188 7.96 14.55 0.31
CA ARG E 188 8.68 14.48 1.61
C ARG E 188 9.81 13.46 1.49
N LEU E 189 10.74 13.47 2.45
CA LEU E 189 11.80 12.42 2.48
C LEU E 189 11.12 11.05 2.59
N SER E 190 11.53 10.09 1.76
CA SER E 190 10.95 8.73 1.79
C SER E 190 11.04 8.13 3.19
N ALA E 191 10.08 7.29 3.58
CA ALA E 191 10.05 6.70 4.94
C ALA E 191 11.39 5.99 5.21
N THR E 192 11.87 5.20 4.26
CA THR E 192 13.17 4.48 4.43
C THR E 192 14.29 5.50 4.60
N ALA E 193 14.33 6.54 3.76
CA ALA E 193 15.38 7.57 3.83
C ALA E 193 15.30 8.31 5.17
N THR E 194 14.07 8.54 5.66
CA THR E 194 13.89 9.23 6.98
C THR E 194 14.58 8.39 8.05
N LYS E 195 14.33 7.08 8.08
CA LYS E 195 14.96 6.19 9.07
C LYS E 195 16.48 6.17 8.85
N VAL E 196 16.91 6.16 7.58
CA VAL E 196 18.37 6.21 7.26
C VAL E 196 18.98 7.45 7.93
N VAL E 197 18.32 8.61 7.77
CA VAL E 197 18.89 9.88 8.32
C VAL E 197 18.98 9.77 9.85
N ILE E 198 17.97 9.20 10.51
CA ILE E 198 18.00 9.02 11.98
C ILE E 198 19.23 8.18 12.34
N CYS E 199 19.39 7.05 11.64
CA CYS E 199 20.56 6.18 11.89
C CYS E 199 21.84 7.02 11.75
N VAL E 200 21.97 7.78 10.66
CA VAL E 200 23.20 8.57 10.41
C VAL E 200 23.44 9.52 11.59
N ILE E 201 22.39 10.20 12.08
CA ILE E 201 22.52 11.16 13.22
C ILE E 201 23.16 10.43 14.40
N TRP E 202 22.54 9.33 14.85
CA TRP E 202 23.06 8.62 16.04
C TRP E 202 24.47 8.09 15.77
N VAL E 203 24.72 7.62 14.55
CA VAL E 203 26.08 7.14 14.18
C VAL E 203 27.08 8.27 14.41
N LEU E 204 26.83 9.45 13.81
CA LEU E 204 27.77 10.59 13.94
C LEU E 204 27.91 10.96 15.42
N ALA E 205 26.82 10.89 16.18
CA ALA E 205 26.85 11.21 17.62
C ALA E 205 27.85 10.28 18.32
N LEU E 206 27.69 8.98 18.11
CA LEU E 206 28.58 7.98 18.77
C LEU E 206 30.02 8.25 18.34
N LEU E 207 30.24 8.56 17.05
CA LEU E 207 31.61 8.80 16.54
C LEU E 207 32.23 10.01 17.26
N LEU E 208 31.45 11.08 17.44
CA LEU E 208 32.00 12.30 18.06
C LEU E 208 32.29 12.04 19.54
N ALA E 209 31.51 11.15 20.18
CA ALA E 209 31.69 10.88 21.63
C ALA E 209 32.73 9.77 21.84
N PHE E 210 33.11 9.04 20.79
CA PHE E 210 34.06 7.92 20.93
C PHE E 210 35.35 8.39 21.61
N PRO E 211 36.11 9.40 21.11
CA PRO E 211 37.40 9.76 21.73
C PRO E 211 37.28 9.89 23.25
N GLN E 212 36.25 10.59 23.73
CA GLN E 212 36.13 10.84 25.19
C GLN E 212 36.04 9.49 25.92
N GLY E 213 35.22 8.56 25.41
CA GLY E 213 35.09 7.23 26.03
C GLY E 213 36.38 6.42 25.92
N TYR E 214 37.11 6.56 24.81
CA TYR E 214 38.38 5.80 24.61
C TYR E 214 39.43 6.26 25.61
N TYR E 215 39.48 7.57 25.90
CA TYR E 215 40.51 8.11 26.81
C TYR E 215 39.93 8.32 28.21
N SER E 216 38.88 7.58 28.57
CA SER E 216 38.26 7.69 29.92
C SER E 216 39.14 6.97 30.96
N THR E 217 39.20 7.50 32.19
CA THR E 217 39.94 6.83 33.29
C THR E 217 39.40 7.31 34.63
N THR E 218 39.23 6.40 35.59
CA THR E 218 38.79 6.81 36.95
C THR E 218 40.03 6.98 37.83
N GLU E 219 40.79 8.05 37.63
CA GLU E 219 41.95 8.32 38.52
C GLU E 219 41.41 8.37 39.96
N THR E 220 41.83 7.42 40.80
CA THR E 220 41.30 7.35 42.19
C THR E 220 42.11 8.32 43.05
N MET E 221 41.73 9.61 43.05
CA MET E 221 42.42 10.59 43.91
C MET E 221 42.12 10.26 45.37
N PRO E 222 43.11 10.37 46.29
CA PRO E 222 42.88 10.12 47.72
C PRO E 222 41.61 10.84 48.19
N SER E 223 41.40 12.07 47.71
CA SER E 223 40.18 12.83 48.06
C SER E 223 38.92 12.19 47.49
N ARG E 224 38.91 11.92 46.17
CA ARG E 224 37.68 11.39 45.53
C ARG E 224 38.03 10.70 44.21
N VAL E 225 37.25 9.68 43.82
CA VAL E 225 37.48 9.08 42.48
C VAL E 225 37.10 10.17 41.46
N VAL E 226 37.96 10.42 40.47
CA VAL E 226 37.58 11.42 39.42
C VAL E 226 37.62 10.76 38.05
N CYS E 227 36.48 10.80 37.33
CA CYS E 227 36.49 10.27 35.93
C CYS E 227 37.07 11.36 35.02
N MET E 228 38.33 11.22 34.60
CA MET E 228 39.01 12.26 33.78
C MET E 228 39.32 11.69 32.39
N ILE E 229 39.30 12.55 31.36
CA ILE E 229 39.64 12.10 29.98
C ILE E 229 41.13 12.34 29.74
N GLU E 230 41.95 11.28 29.82
CA GLU E 230 43.42 11.40 29.61
C GLU E 230 43.71 11.50 28.09
N TRP E 231 43.64 12.71 27.55
CA TRP E 231 43.92 12.92 26.11
C TRP E 231 45.39 12.63 25.80
N PRO E 232 45.75 12.20 24.56
CA PRO E 232 47.15 11.96 24.20
C PRO E 232 48.04 13.11 24.69
N GLU E 233 49.10 12.78 25.43
CA GLU E 233 49.98 13.84 26.01
C GLU E 233 50.62 14.66 24.89
N HIS E 234 50.43 15.98 24.90
CA HIS E 234 51.06 16.86 23.90
C HIS E 234 51.59 18.12 24.60
N PRO E 235 52.80 18.61 24.27
CA PRO E 235 53.33 19.84 24.86
C PRO E 235 52.38 21.02 24.58
N ASN E 236 51.88 21.11 23.35
CA ASN E 236 50.93 22.19 22.97
C ASN E 236 49.50 21.74 23.22
N LYS E 237 49.29 20.53 23.75
CA LYS E 237 47.93 19.97 23.92
C LYS E 237 47.17 20.12 22.60
N ILE E 238 47.82 19.83 21.47
CA ILE E 238 47.18 20.06 20.14
C ILE E 238 45.94 19.16 19.98
N TYR E 239 46.09 17.83 20.12
CA TYR E 239 44.95 16.91 19.87
C TYR E 239 43.82 17.24 20.84
N GLU E 240 44.15 17.40 22.13
CA GLU E 240 43.13 17.71 23.17
C GLU E 240 42.32 18.95 22.76
N LYS E 241 43.02 20.05 22.44
CA LYS E 241 42.33 21.32 22.08
C LYS E 241 41.52 21.16 20.79
N VAL E 242 42.13 20.62 19.72
CA VAL E 242 41.43 20.52 18.41
C VAL E 242 40.10 19.76 18.56
N TYR E 243 40.09 18.63 19.28
CA TYR E 243 38.84 17.84 19.42
C TYR E 243 37.73 18.73 19.98
N HIS E 244 38.00 19.41 21.09
CA HIS E 244 36.97 20.28 21.72
C HIS E 244 36.59 21.41 20.76
N ILE E 245 37.56 21.97 20.03
CA ILE E 245 37.26 23.05 19.05
C ILE E 245 36.36 22.46 17.96
N CYS E 246 36.70 21.27 17.44
CA CYS E 246 35.89 20.63 16.36
C CYS E 246 34.47 20.37 16.86
N VAL E 247 34.32 19.84 18.08
CA VAL E 247 32.98 19.59 18.66
C VAL E 247 32.22 20.91 18.70
N THR E 248 32.83 21.96 19.25
CA THR E 248 32.13 23.28 19.37
C THR E 248 31.63 23.68 17.99
N VAL E 249 32.51 23.65 16.98
CA VAL E 249 32.11 24.10 15.62
C VAL E 249 31.06 23.15 15.05
N LEU E 250 31.24 21.83 15.23
CA LEU E 250 30.32 20.84 14.62
C LEU E 250 28.94 20.81 15.30
N ILE E 251 28.85 21.02 16.62
CA ILE E 251 27.50 20.88 17.29
C ILE E 251 26.96 22.23 17.77
N TYR E 252 27.58 23.35 17.36
CA TYR E 252 27.04 24.69 17.73
C TYR E 252 27.03 25.60 16.50
N PHE E 253 28.21 26.03 16.05
CA PHE E 253 28.23 26.96 14.90
C PHE E 253 27.53 26.34 13.68
N LEU E 254 27.88 25.10 13.34
CA LEU E 254 27.30 24.45 12.12
C LEU E 254 25.78 24.33 12.26
N PRO E 255 25.18 23.76 13.33
CA PRO E 255 23.72 23.75 13.48
C PRO E 255 23.12 25.15 13.58
N LEU E 256 23.69 26.02 14.40
CA LEU E 256 23.18 27.42 14.54
C LEU E 256 23.04 28.05 13.16
N LEU E 257 23.90 27.66 12.22
CA LEU E 257 23.82 28.20 10.85
C LEU E 257 22.70 27.47 10.10
N VAL E 258 22.75 26.15 9.96
CA VAL E 258 21.72 25.46 9.13
C VAL E 258 20.33 25.74 9.71
N ILE E 259 20.08 25.36 10.98
CA ILE E 259 18.75 25.55 11.64
C ILE E 259 18.37 27.02 11.50
N GLY E 260 19.35 27.89 11.74
CA GLY E 260 19.11 29.34 11.61
C GLY E 260 18.63 29.65 10.22
N TYR E 261 19.48 29.49 9.21
CA TYR E 261 19.10 29.86 7.82
C TYR E 261 17.74 29.26 7.47
N ALA E 262 17.59 27.94 7.62
CA ALA E 262 16.32 27.27 7.22
C ALA E 262 15.12 27.93 7.91
N TYR E 263 15.11 27.89 9.24
CA TYR E 263 13.96 28.45 9.99
C TYR E 263 13.77 29.92 9.60
N THR E 264 14.88 30.63 9.34
CA THR E 264 14.79 32.07 8.94
C THR E 264 13.95 32.20 7.67
N VAL E 265 14.29 31.48 6.59
CA VAL E 265 13.56 31.64 5.30
C VAL E 265 12.10 31.23 5.49
N VAL E 266 11.89 30.05 6.09
CA VAL E 266 10.49 29.58 6.36
C VAL E 266 9.77 30.71 7.09
N GLY E 267 10.37 31.20 8.17
CA GLY E 267 9.76 32.32 8.92
C GLY E 267 9.40 33.47 8.00
N ILE E 268 10.32 33.87 7.11
CA ILE E 268 10.05 35.04 6.23
C ILE E 268 8.76 34.78 5.46
N THR E 269 8.68 33.65 4.75
CA THR E 269 7.49 33.36 3.91
C THR E 269 6.22 33.28 4.78
N LEU E 270 6.27 32.56 5.90
CA LEU E 270 5.08 32.37 6.75
C LEU E 270 4.61 33.72 7.32
N TRP E 271 5.55 34.57 7.73
CA TRP E 271 5.20 35.92 8.27
C TRP E 271 4.56 36.76 7.16
N ALA E 272 5.12 36.70 5.95
CA ALA E 272 4.57 37.47 4.81
C ALA E 272 3.31 36.76 4.29
N HIS E 284 -8.43 34.93 7.96
CA HIS E 284 -7.26 35.62 8.58
C HIS E 284 -6.83 34.89 9.86
N GLU E 285 -7.63 33.93 10.32
CA GLU E 285 -7.22 33.10 11.48
C GLU E 285 -5.93 32.37 11.09
N GLN E 286 -5.83 31.98 9.81
CA GLN E 286 -4.61 31.31 9.30
C GLN E 286 -3.39 32.17 9.62
N VAL E 287 -3.47 33.48 9.39
CA VAL E 287 -2.30 34.39 9.60
C VAL E 287 -1.84 34.27 11.05
N SER E 288 -2.78 34.34 12.00
CA SER E 288 -2.43 34.21 13.45
C SER E 288 -1.63 32.93 13.69
N ALA E 289 -2.06 31.81 13.09
CA ALA E 289 -1.37 30.51 13.27
C ALA E 289 0.02 30.54 12.61
N LYS E 290 0.15 31.10 11.41
CA LYS E 290 1.46 31.12 10.69
C LYS E 290 2.45 31.97 11.50
N ARG E 291 1.99 33.10 12.01
CA ARG E 291 2.88 33.99 12.80
C ARG E 291 3.22 33.28 14.13
N LYS E 292 2.34 32.44 14.64
CA LYS E 292 2.68 31.66 15.85
C LYS E 292 3.86 30.73 15.52
N VAL E 293 3.79 30.02 14.39
CA VAL E 293 4.91 29.12 13.98
C VAL E 293 6.20 29.94 13.96
N VAL E 294 6.14 31.17 13.44
CA VAL E 294 7.38 32.00 13.32
C VAL E 294 7.93 32.25 14.74
N LYS E 295 7.02 32.63 15.65
CA LYS E 295 7.42 32.86 17.05
C LYS E 295 8.10 31.59 17.56
N MET E 296 7.45 30.43 17.40
CA MET E 296 8.04 29.14 17.85
C MET E 296 9.45 29.00 17.28
N MET E 297 9.63 29.19 15.98
CA MET E 297 10.96 28.96 15.36
C MET E 297 12.01 29.88 15.99
N ILE E 298 11.68 31.17 16.16
CA ILE E 298 12.71 32.09 16.69
C ILE E 298 13.01 31.67 18.12
N VAL E 299 11.98 31.24 18.87
CA VAL E 299 12.22 30.72 20.25
C VAL E 299 13.25 29.60 20.17
N VAL E 300 13.00 28.59 19.34
CA VAL E 300 13.94 27.44 19.20
C VAL E 300 15.35 27.96 18.91
N VAL E 301 15.51 28.81 17.89
CA VAL E 301 16.89 29.24 17.51
C VAL E 301 17.55 29.90 18.72
N CYS E 302 16.87 30.85 19.36
CA CYS E 302 17.49 31.59 20.50
C CYS E 302 17.86 30.60 21.60
N THR E 303 16.93 29.72 21.95
CA THR E 303 17.21 28.68 22.97
C THR E 303 18.51 27.97 22.61
N PHE E 304 18.57 27.35 21.43
CA PHE E 304 19.77 26.55 21.06
C PHE E 304 21.02 27.41 21.21
N ALA E 305 21.01 28.64 20.67
CA ALA E 305 22.22 29.48 20.69
C ALA E 305 22.57 29.90 22.13
N ILE E 306 21.63 30.51 22.83
CA ILE E 306 21.91 31.06 24.20
C ILE E 306 22.20 29.92 25.17
N CYS E 307 21.36 28.89 25.23
CA CYS E 307 21.55 27.83 26.26
C CYS E 307 22.85 27.04 26.05
N TRP E 308 23.30 26.78 24.81
CA TRP E 308 24.51 25.92 24.65
C TRP E 308 25.82 26.72 24.71
N LEU E 309 25.76 28.04 24.50
CA LEU E 309 27.02 28.85 24.44
C LEU E 309 27.77 28.79 25.78
N PRO E 310 27.18 29.03 26.97
CA PRO E 310 27.93 28.89 28.22
C PRO E 310 28.56 27.49 28.36
N PHE E 311 27.80 26.45 27.99
CA PHE E 311 28.31 25.05 28.04
C PHE E 311 29.63 24.96 27.29
N HIS E 312 29.64 25.34 26.01
CA HIS E 312 30.87 25.22 25.18
C HIS E 312 32.00 26.05 25.79
N ILE E 313 31.71 27.27 26.26
CA ILE E 313 32.76 28.15 26.84
C ILE E 313 33.44 27.42 28.00
N PHE E 314 32.65 26.78 28.88
CA PHE E 314 33.24 26.11 30.06
C PHE E 314 34.19 25.00 29.63
N PHE E 315 33.83 24.23 28.59
CA PHE E 315 34.67 23.07 28.19
C PHE E 315 35.85 23.54 27.33
N LEU E 316 35.84 24.79 26.88
CA LEU E 316 37.01 25.33 26.14
C LEU E 316 37.86 26.16 27.11
N LEU E 317 37.35 26.41 28.31
CA LEU E 317 38.07 27.23 29.33
C LEU E 317 39.44 26.64 29.70
N PRO E 318 39.63 25.32 29.98
CA PRO E 318 40.95 24.82 30.41
C PRO E 318 42.06 25.25 29.44
N TYR E 319 41.73 25.34 28.15
CA TYR E 319 42.73 25.72 27.12
C TYR E 319 43.08 27.21 27.26
N ILE E 320 42.09 28.03 27.62
CA ILE E 320 42.31 29.50 27.80
C ILE E 320 42.89 29.72 29.21
N ASN E 321 42.08 29.51 30.25
CA ASN E 321 42.52 29.74 31.65
C ASN E 321 42.34 28.46 32.47
N PRO E 322 43.38 27.61 32.63
CA PRO E 322 43.27 26.41 33.48
C PRO E 322 43.26 26.77 34.98
N ASP E 323 43.79 27.95 35.33
CA ASP E 323 43.85 28.39 36.75
C ASP E 323 42.42 28.57 37.28
N LEU E 324 41.48 28.96 36.41
CA LEU E 324 40.06 29.12 36.83
C LEU E 324 39.53 27.76 37.28
N TYR E 325 39.88 26.68 36.58
CA TYR E 325 39.46 25.31 36.98
C TYR E 325 40.04 24.98 38.36
N LEU E 326 41.26 25.41 38.63
CA LEU E 326 41.94 25.09 39.92
C LEU E 326 41.27 25.86 41.07
N LYS E 327 40.40 26.83 40.76
CA LYS E 327 39.71 27.63 41.81
C LYS E 327 38.36 26.96 42.09
N LYS E 328 37.77 27.19 43.26
CA LYS E 328 36.52 26.47 43.62
C LYS E 328 35.28 27.00 42.87
N PHE E 329 35.20 28.30 42.61
CA PHE E 329 33.97 28.89 42.00
C PHE E 329 33.61 28.16 40.71
N ILE E 330 34.60 27.57 40.03
CA ILE E 330 34.35 26.85 38.74
C ILE E 330 33.37 25.69 38.98
N GLN E 331 33.35 25.14 40.20
CA GLN E 331 32.38 24.06 40.52
C GLN E 331 30.96 24.58 40.28
N GLN E 332 30.62 25.73 40.88
CA GLN E 332 29.26 26.29 40.76
C GLN E 332 29.00 26.71 39.31
N VAL E 333 30.05 27.12 38.59
CA VAL E 333 29.90 27.57 37.16
C VAL E 333 29.54 26.37 36.30
N TYR E 334 30.20 25.22 36.52
CA TYR E 334 29.86 23.99 35.78
C TYR E 334 28.39 23.65 36.03
N LEU E 335 27.98 23.72 37.31
CA LEU E 335 26.56 23.43 37.65
C LEU E 335 25.67 24.34 36.80
N ALA E 336 25.92 25.65 36.80
CA ALA E 336 25.08 26.61 36.04
C ALA E 336 25.05 26.26 34.54
N ILE E 337 26.21 26.02 33.93
CA ILE E 337 26.23 25.77 32.47
C ILE E 337 25.42 24.50 32.19
N MET E 338 25.59 23.44 32.99
CA MET E 338 24.89 22.17 32.69
C MET E 338 23.39 22.41 32.88
N TRP E 339 23.01 23.18 33.89
CA TRP E 339 21.58 23.52 34.11
C TRP E 339 21.02 24.18 32.85
N LEU E 340 21.70 25.21 32.34
CA LEU E 340 21.18 25.94 31.16
C LEU E 340 21.11 24.97 29.98
N ALA E 341 22.14 24.14 29.78
CA ALA E 341 22.19 23.23 28.61
C ALA E 341 21.09 22.18 28.71
N MET E 342 20.99 21.50 29.85
CA MET E 342 20.00 20.39 30.00
C MET E 342 18.57 20.97 29.92
N SER E 343 18.43 22.28 30.15
CA SER E 343 17.08 22.91 30.13
C SER E 343 16.51 22.88 28.71
N SER E 344 17.38 22.78 27.70
CA SER E 344 16.94 22.76 26.27
C SER E 344 16.00 21.57 26.03
N THR E 345 16.17 20.49 26.78
CA THR E 345 15.35 19.25 26.59
C THR E 345 13.93 19.46 27.12
N MET E 346 13.64 20.63 27.71
CA MET E 346 12.29 20.94 28.24
C MET E 346 11.55 21.83 27.24
N TYR E 347 12.29 22.70 26.56
CA TYR E 347 11.65 23.64 25.61
C TYR E 347 10.81 22.87 24.60
N ASN E 348 11.35 21.83 23.94
CA ASN E 348 10.61 21.13 22.85
C ASN E 348 9.22 20.63 23.29
N PRO E 349 9.04 19.83 24.37
CA PRO E 349 7.70 19.44 24.84
C PRO E 349 6.71 20.61 25.02
N ILE E 350 7.10 21.64 25.76
CA ILE E 350 6.23 22.83 25.97
C ILE E 350 5.85 23.39 24.59
N ILE E 351 6.84 23.54 23.70
CA ILE E 351 6.60 24.12 22.35
C ILE E 351 5.57 23.27 21.60
N TYR E 352 5.66 21.94 21.68
CA TYR E 352 4.73 21.04 20.95
C TYR E 352 3.32 21.31 21.45
N CYS E 353 3.12 21.37 22.78
CA CYS E 353 1.77 21.60 23.37
C CYS E 353 1.28 23.01 23.02
N CYS E 354 2.16 24.02 23.09
CA CYS E 354 1.73 25.42 22.83
C CYS E 354 1.35 25.64 21.37
N LEU E 355 2.18 25.18 20.43
CA LEU E 355 1.93 25.45 18.99
C LEU E 355 0.86 24.50 18.43
N ASN E 356 1.00 23.19 18.67
CA ASN E 356 0.05 22.19 18.09
C ASN E 356 -1.13 21.97 19.04
N ASP E 357 -2.30 21.67 18.50
CA ASP E 357 -3.51 21.38 19.32
C ASP E 357 -3.55 19.88 19.64
N ARG E 358 -3.20 19.04 18.67
CA ARG E 358 -3.29 17.57 18.87
C ARG E 358 -2.28 17.13 19.94
N PHE E 359 -1.08 17.70 19.94
CA PHE E 359 -0.09 17.39 21.00
C PHE E 359 -0.70 17.74 22.36
N ARG E 360 -1.30 18.94 22.47
CA ARG E 360 -1.94 19.39 23.74
C ARG E 360 -3.00 18.38 24.17
N LEU E 361 -3.83 17.92 23.22
CA LEU E 361 -4.90 16.94 23.53
C LEU E 361 -4.27 15.66 24.10
N GLY E 362 -3.24 15.13 23.45
CA GLY E 362 -2.54 13.94 23.96
C GLY E 362 -2.00 14.16 25.36
N PHE E 363 -1.40 15.34 25.59
CA PHE E 363 -0.85 15.68 26.93
C PHE E 363 -1.97 15.61 27.97
N LYS E 364 -3.11 16.26 27.70
CA LYS E 364 -4.20 16.30 28.74
C LYS E 364 -4.80 14.89 28.89
N HIS E 365 -4.75 14.07 27.84
CA HIS E 365 -5.25 12.67 27.91
C HIS E 365 -4.34 11.85 28.82
N ALA E 366 -3.03 12.02 28.69
CA ALA E 366 -2.07 11.28 29.55
C ALA E 366 -2.14 11.82 30.98
N LYS F 3 45.46 16.82 39.45
CA LYS F 3 45.54 17.84 40.54
C LYS F 3 44.35 17.66 41.49
N PRO F 4 44.52 17.56 42.84
CA PRO F 4 43.36 17.46 43.73
C PRO F 4 42.53 18.76 43.73
N GLN F 5 43.17 19.90 43.49
CA GLN F 5 42.46 21.20 43.52
C GLN F 5 41.76 21.44 42.18
N GLN F 6 41.93 20.53 41.21
CA GLN F 6 41.35 20.72 39.86
C GLN F 6 39.93 20.14 39.82
N PHE F 7 38.97 20.91 39.29
CA PHE F 7 37.59 20.37 39.14
C PHE F 7 37.50 19.63 37.81
N PHE F 8 36.91 18.44 37.84
CA PHE F 8 36.76 17.63 36.60
C PHE F 8 35.28 17.62 36.20
N GLY F 9 34.99 18.00 34.95
CA GLY F 9 33.60 18.02 34.47
C GLY F 9 33.44 17.23 33.19
N LEU F 10 32.30 16.56 33.01
CA LEU F 10 32.07 15.73 31.80
C LEU F 10 30.94 16.36 30.98
N MET F 11 31.08 16.35 29.66
CA MET F 11 30.04 16.95 28.77
C MET F 11 28.69 16.27 29.04
#